data_1X4V
#
_entry.id   1X4V
#
loop_
_entity.id
_entity.type
_entity.pdbx_description
1 polymer 'Hypothetical protein LOC130617'
2 non-polymer 'ZINC ION'
#
_entity_poly.entity_id   1
_entity_poly.type   'polypeptide(L)'
_entity_poly.pdbx_seq_one_letter_code
;GSSGSSGRKIFTNKCERAGCRQREMMKLTCERCSRNFCIKHRHPLDHDCSGEGHPTSSGPSSG
;
_entity_poly.pdbx_strand_id   A
#
loop_
_chem_comp.id
_chem_comp.type
_chem_comp.name
_chem_comp.formula
ZN non-polymer 'ZINC ION' 'Zn 2'
#
# COMPACT_ATOMS: atom_id res chain seq x y z
N GLY A 1 -26.43 -16.51 -11.20
CA GLY A 1 -25.22 -16.82 -11.94
C GLY A 1 -23.98 -16.24 -11.28
N SER A 2 -22.92 -17.05 -11.21
CA SER A 2 -21.67 -16.61 -10.59
C SER A 2 -21.09 -15.42 -11.34
N SER A 3 -20.96 -14.31 -10.63
CA SER A 3 -20.42 -13.09 -11.23
C SER A 3 -19.32 -12.49 -10.35
N GLY A 4 -18.10 -12.49 -10.85
CA GLY A 4 -16.98 -11.94 -10.10
C GLY A 4 -16.45 -12.92 -9.06
N SER A 5 -15.14 -12.88 -8.84
CA SER A 5 -14.50 -13.78 -7.88
C SER A 5 -13.68 -12.98 -6.87
N SER A 6 -14.17 -12.92 -5.63
CA SER A 6 -13.48 -12.20 -4.57
C SER A 6 -12.33 -13.01 -4.01
N GLY A 7 -11.30 -12.32 -3.53
CA GLY A 7 -10.14 -13.00 -2.98
C GLY A 7 -9.49 -12.22 -1.85
N ARG A 8 -9.54 -12.78 -0.64
CA ARG A 8 -8.96 -12.13 0.53
C ARG A 8 -8.55 -13.15 1.58
N LYS A 9 -7.25 -13.27 1.81
CA LYS A 9 -6.73 -14.21 2.79
C LYS A 9 -5.55 -13.62 3.55
N ILE A 10 -5.48 -13.90 4.85
CA ILE A 10 -4.40 -13.39 5.69
C ILE A 10 -3.14 -14.24 5.53
N PHE A 11 -2.58 -14.27 4.33
CA PHE A 11 -1.38 -15.04 4.06
C PHE A 11 -0.25 -14.13 3.60
N THR A 12 -0.55 -13.24 2.67
CA THR A 12 0.45 -12.31 2.14
C THR A 12 -0.19 -10.97 1.78
N ASN A 13 0.65 -9.96 1.59
CA ASN A 13 0.17 -8.62 1.24
C ASN A 13 0.40 -8.34 -0.23
N LYS A 14 -0.16 -7.24 -0.71
CA LYS A 14 -0.02 -6.84 -2.11
C LYS A 14 0.48 -5.41 -2.23
N CYS A 15 1.63 -5.23 -2.86
CA CYS A 15 2.23 -3.92 -3.03
C CYS A 15 1.29 -3.01 -3.83
N GLU A 16 1.24 -1.74 -3.44
CA GLU A 16 0.39 -0.77 -4.12
C GLU A 16 1.20 0.07 -5.10
N ARG A 17 2.28 -0.51 -5.62
CA ARG A 17 3.14 0.20 -6.57
C ARG A 17 2.71 -0.10 -8.01
N ALA A 18 2.91 0.87 -8.89
CA ALA A 18 2.54 0.71 -10.30
C ALA A 18 3.36 -0.39 -10.95
N GLY A 19 2.69 -1.23 -11.74
CA GLY A 19 3.38 -2.32 -12.40
C GLY A 19 4.22 -3.15 -11.46
N CYS A 20 3.67 -3.44 -10.28
CA CYS A 20 4.38 -4.23 -9.29
C CYS A 20 3.47 -5.31 -8.70
N ARG A 21 4.01 -6.52 -8.58
CA ARG A 21 3.25 -7.65 -8.04
C ARG A 21 4.05 -8.37 -6.96
N GLN A 22 4.76 -7.61 -6.14
CA GLN A 22 5.56 -8.19 -5.06
C GLN A 22 4.70 -8.49 -3.85
N ARG A 23 4.84 -9.71 -3.33
CA ARG A 23 4.07 -10.13 -2.16
C ARG A 23 4.98 -10.36 -0.97
N GLU A 24 4.99 -9.40 -0.04
CA GLU A 24 5.83 -9.49 1.14
C GLU A 24 5.10 -10.24 2.27
N MET A 25 5.66 -11.36 2.68
CA MET A 25 5.06 -12.16 3.75
C MET A 25 4.47 -11.27 4.83
N MET A 26 5.18 -10.20 5.17
CA MET A 26 4.73 -9.27 6.19
C MET A 26 4.16 -8.00 5.56
N LYS A 27 3.29 -7.31 6.29
CA LYS A 27 2.67 -6.08 5.80
C LYS A 27 3.62 -4.90 5.95
N LEU A 28 3.71 -4.07 4.92
CA LEU A 28 4.58 -2.90 4.95
C LEU A 28 3.83 -1.67 4.45
N THR A 29 3.48 -0.78 5.38
CA THR A 29 2.77 0.45 5.04
C THR A 29 3.67 1.66 5.20
N CYS A 30 3.62 2.57 4.23
CA CYS A 30 4.43 3.78 4.27
C CYS A 30 4.08 4.62 5.50
N GLU A 31 4.92 5.62 5.78
CA GLU A 31 4.72 6.50 6.92
C GLU A 31 4.19 7.86 6.48
N ARG A 32 4.32 8.14 5.19
CA ARG A 32 3.86 9.41 4.63
C ARG A 32 2.49 9.24 3.97
N CYS A 33 2.41 8.32 3.01
CA CYS A 33 1.16 8.08 2.30
C CYS A 33 0.32 7.04 3.03
N SER A 34 0.97 6.20 3.82
CA SER A 34 0.29 5.16 4.57
C SER A 34 -0.33 4.12 3.64
N ARG A 35 0.47 3.65 2.68
CA ARG A 35 0.01 2.66 1.72
C ARG A 35 0.89 1.42 1.74
N ASN A 36 0.32 0.28 1.37
CA ASN A 36 1.06 -0.98 1.36
C ASN A 36 2.06 -1.01 0.20
N PHE A 37 3.22 -1.60 0.44
CA PHE A 37 4.25 -1.70 -0.59
C PHE A 37 5.23 -2.82 -0.26
N CYS A 38 6.14 -3.09 -1.18
CA CYS A 38 7.14 -4.14 -1.01
C CYS A 38 8.46 -3.56 -0.52
N ILE A 39 9.19 -4.33 0.27
CA ILE A 39 10.48 -3.89 0.80
C ILE A 39 11.22 -3.03 -0.21
N LYS A 40 11.14 -3.42 -1.49
CA LYS A 40 11.80 -2.68 -2.55
C LYS A 40 11.20 -1.28 -2.69
N HIS A 41 9.88 -1.20 -2.67
CA HIS A 41 9.18 0.07 -2.80
C HIS A 41 8.67 0.55 -1.44
N ARG A 42 9.17 -0.07 -0.38
CA ARG A 42 8.76 0.30 0.97
C ARG A 42 9.26 1.69 1.34
N HIS A 43 10.44 2.04 0.84
CA HIS A 43 11.03 3.35 1.12
C HIS A 43 10.40 4.42 0.24
N PRO A 44 10.19 5.61 0.82
CA PRO A 44 9.60 6.74 0.10
C PRO A 44 10.53 7.31 -0.96
N LEU A 45 11.68 6.68 -1.13
CA LEU A 45 12.66 7.12 -2.13
C LEU A 45 12.63 6.22 -3.35
N ASP A 46 12.16 5.00 -3.17
CA ASP A 46 12.08 4.03 -4.27
C ASP A 46 10.63 3.84 -4.71
N HIS A 47 9.79 4.81 -4.40
CA HIS A 47 8.37 4.75 -4.77
C HIS A 47 7.75 6.13 -4.76
N ASP A 48 6.97 6.42 -5.80
CA ASP A 48 6.30 7.72 -5.91
C ASP A 48 5.40 7.97 -4.71
N CYS A 49 5.96 8.52 -3.65
CA CYS A 49 5.20 8.81 -2.44
C CYS A 49 4.29 10.02 -2.64
N SER A 50 2.98 9.80 -2.51
CA SER A 50 2.01 10.87 -2.68
C SER A 50 1.21 11.09 -1.40
N GLY A 51 1.90 11.03 -0.26
CA GLY A 51 1.24 11.22 1.01
C GLY A 51 1.29 12.67 1.48
N GLU A 52 2.21 12.97 2.38
CA GLU A 52 2.36 14.32 2.91
C GLU A 52 3.22 15.18 1.98
N GLY A 53 2.62 15.67 0.90
CA GLY A 53 3.34 16.49 -0.04
C GLY A 53 2.43 17.41 -0.85
N HIS A 54 1.23 16.93 -1.15
CA HIS A 54 0.28 17.71 -1.91
C HIS A 54 -0.59 18.56 -1.00
N PRO A 55 -0.51 19.89 -1.18
CA PRO A 55 -1.27 20.85 -0.37
C PRO A 55 -2.76 20.80 -0.67
N THR A 56 -3.56 20.63 0.38
CA THR A 56 -5.01 20.58 0.23
C THR A 56 -5.71 21.40 1.31
N SER A 57 -6.82 22.04 0.94
CA SER A 57 -7.57 22.86 1.87
C SER A 57 -9.05 22.88 1.50
N SER A 58 -9.91 22.70 2.49
CA SER A 58 -11.35 22.70 2.26
C SER A 58 -11.80 23.99 1.56
N GLY A 59 -12.59 23.83 0.51
CA GLY A 59 -13.07 24.98 -0.23
C GLY A 59 -14.44 24.74 -0.84
N PRO A 60 -14.49 23.94 -1.92
CA PRO A 60 -15.74 23.62 -2.61
C PRO A 60 -16.65 22.72 -1.78
N SER A 61 -17.95 22.79 -2.05
CA SER A 61 -18.92 21.99 -1.33
C SER A 61 -19.21 20.68 -2.07
N SER A 62 -19.42 20.78 -3.37
CA SER A 62 -19.71 19.60 -4.19
C SER A 62 -18.64 18.53 -3.99
N GLY A 63 -18.95 17.31 -4.43
CA GLY A 63 -18.00 16.22 -4.28
C GLY A 63 -18.58 15.05 -3.50
ZN ZN B . 6.40 -3.11 -5.07
ZN ZN C . 4.84 6.76 0.61
N GLY A 1 -11.62 -38.79 1.72
CA GLY A 1 -10.69 -38.31 0.71
C GLY A 1 -9.84 -37.16 1.20
N SER A 2 -9.73 -36.11 0.40
CA SER A 2 -8.93 -34.95 0.76
C SER A 2 -9.82 -33.79 1.19
N SER A 3 -9.20 -32.74 1.73
CA SER A 3 -9.94 -31.57 2.18
C SER A 3 -9.32 -30.29 1.63
N GLY A 4 -8.97 -30.33 0.35
CA GLY A 4 -8.37 -29.16 -0.28
C GLY A 4 -7.22 -28.58 0.52
N SER A 5 -6.10 -29.30 0.55
CA SER A 5 -4.93 -28.86 1.29
C SER A 5 -4.44 -27.51 0.78
N SER A 6 -4.63 -26.47 1.59
CA SER A 6 -4.22 -25.12 1.22
C SER A 6 -2.80 -24.84 1.68
N GLY A 7 -1.91 -24.62 0.74
CA GLY A 7 -0.51 -24.35 1.07
C GLY A 7 -0.25 -22.86 1.25
N ARG A 8 -0.04 -22.16 0.14
CA ARG A 8 0.23 -20.73 0.19
C ARG A 8 -0.54 -20.06 1.32
N LYS A 9 0.17 -19.69 2.38
CA LYS A 9 -0.45 -19.05 3.53
C LYS A 9 -1.05 -17.70 3.14
N ILE A 10 -2.34 -17.52 3.42
CA ILE A 10 -3.02 -16.27 3.10
C ILE A 10 -2.64 -15.17 4.08
N PHE A 11 -1.35 -14.96 4.26
CA PHE A 11 -0.86 -13.93 5.17
C PHE A 11 0.15 -13.02 4.47
N THR A 12 -0.16 -12.66 3.23
CA THR A 12 0.72 -11.79 2.45
C THR A 12 0.03 -10.47 2.12
N ASN A 13 0.76 -9.57 1.47
CA ASN A 13 0.21 -8.28 1.08
C ASN A 13 0.67 -7.88 -0.31
N LYS A 14 -0.28 -7.42 -1.13
CA LYS A 14 0.04 -7.02 -2.50
C LYS A 14 0.53 -5.57 -2.53
N CYS A 15 1.70 -5.37 -3.12
CA CYS A 15 2.29 -4.04 -3.22
C CYS A 15 1.36 -3.09 -3.98
N GLU A 16 1.24 -1.86 -3.48
CA GLU A 16 0.39 -0.87 -4.12
C GLU A 16 1.19 -0.01 -5.09
N ARG A 17 2.27 -0.58 -5.64
CA ARG A 17 3.12 0.14 -6.58
C ARG A 17 2.70 -0.15 -8.01
N ALA A 18 2.83 0.85 -8.88
CA ALA A 18 2.46 0.70 -10.28
C ALA A 18 3.38 -0.29 -10.98
N GLY A 19 2.79 -1.23 -11.72
CA GLY A 19 3.57 -2.23 -12.43
C GLY A 19 4.40 -3.09 -11.48
N CYS A 20 3.84 -3.41 -10.33
CA CYS A 20 4.53 -4.23 -9.34
C CYS A 20 3.59 -5.28 -8.75
N ARG A 21 4.10 -6.49 -8.60
CA ARG A 21 3.32 -7.59 -8.04
C ARG A 21 4.07 -8.30 -6.92
N GLN A 22 4.85 -7.53 -6.16
CA GLN A 22 5.63 -8.08 -5.07
C GLN A 22 4.71 -8.59 -3.95
N ARG A 23 5.14 -9.64 -3.27
CA ARG A 23 4.36 -10.23 -2.20
C ARG A 23 5.20 -10.37 -0.93
N GLU A 24 4.90 -9.57 0.08
CA GLU A 24 5.64 -9.62 1.34
C GLU A 24 4.84 -10.34 2.41
N MET A 25 5.46 -11.31 3.06
CA MET A 25 4.81 -12.08 4.11
C MET A 25 4.22 -11.17 5.17
N MET A 26 4.94 -10.09 5.48
CA MET A 26 4.48 -9.13 6.48
C MET A 26 3.83 -7.92 5.82
N LYS A 27 3.33 -7.00 6.64
CA LYS A 27 2.69 -5.79 6.13
C LYS A 27 3.63 -4.60 6.20
N LEU A 28 3.97 -4.05 5.04
CA LEU A 28 4.87 -2.91 4.97
C LEU A 28 4.14 -1.67 4.43
N THR A 29 3.58 -0.88 5.34
CA THR A 29 2.85 0.32 4.96
C THR A 29 3.71 1.57 5.16
N CYS A 30 3.69 2.46 4.17
CA CYS A 30 4.46 3.69 4.25
C CYS A 30 4.07 4.51 5.48
N GLU A 31 4.84 5.57 5.75
CA GLU A 31 4.58 6.42 6.90
C GLU A 31 4.05 7.79 6.45
N ARG A 32 4.26 8.11 5.17
CA ARG A 32 3.80 9.37 4.62
C ARG A 32 2.45 9.21 3.94
N CYS A 33 2.37 8.28 3.00
CA CYS A 33 1.13 8.03 2.26
C CYS A 33 0.27 7.01 3.00
N SER A 34 0.91 6.18 3.82
CA SER A 34 0.20 5.15 4.57
C SER A 34 -0.38 4.10 3.63
N ARG A 35 0.44 3.63 2.70
CA ARG A 35 0.01 2.62 1.75
C ARG A 35 0.93 1.41 1.78
N ASN A 36 0.39 0.24 1.45
CA ASN A 36 1.17 -0.99 1.44
C ASN A 36 2.15 -1.01 0.27
N PHE A 37 3.31 -1.61 0.50
CA PHE A 37 4.34 -1.69 -0.53
C PHE A 37 5.34 -2.81 -0.22
N CYS A 38 6.19 -3.12 -1.19
CA CYS A 38 7.19 -4.17 -1.01
C CYS A 38 8.53 -3.57 -0.58
N ILE A 39 9.30 -4.36 0.15
CA ILE A 39 10.61 -3.91 0.63
C ILE A 39 11.31 -3.05 -0.42
N LYS A 40 11.18 -3.44 -1.68
CA LYS A 40 11.80 -2.71 -2.77
C LYS A 40 11.19 -1.32 -2.91
N HIS A 41 9.88 -1.23 -2.77
CA HIS A 41 9.18 0.04 -2.88
C HIS A 41 8.67 0.50 -1.51
N ARG A 42 9.25 -0.06 -0.46
CA ARG A 42 8.86 0.29 0.90
C ARG A 42 9.35 1.68 1.28
N HIS A 43 10.50 2.05 0.74
CA HIS A 43 11.07 3.37 1.01
C HIS A 43 10.40 4.44 0.18
N PRO A 44 10.18 5.62 0.79
CA PRO A 44 9.53 6.75 0.11
C PRO A 44 10.42 7.36 -0.96
N LEU A 45 11.57 6.73 -1.21
CA LEU A 45 12.50 7.22 -2.22
C LEU A 45 12.49 6.34 -3.45
N ASP A 46 12.11 5.08 -3.26
CA ASP A 46 12.05 4.13 -4.37
C ASP A 46 10.61 3.89 -4.80
N HIS A 47 9.74 4.86 -4.52
CA HIS A 47 8.33 4.76 -4.87
C HIS A 47 7.67 6.14 -4.87
N ASP A 48 6.89 6.42 -5.91
CA ASP A 48 6.20 7.70 -6.03
C ASP A 48 5.31 7.95 -4.82
N CYS A 49 5.91 8.42 -3.73
CA CYS A 49 5.16 8.70 -2.51
C CYS A 49 4.17 9.85 -2.72
N SER A 50 2.91 9.60 -2.39
CA SER A 50 1.87 10.61 -2.55
C SER A 50 1.88 11.59 -1.38
N GLY A 51 1.57 11.08 -0.19
CA GLY A 51 1.54 11.92 0.99
C GLY A 51 0.17 11.97 1.63
N GLU A 52 -0.87 12.00 0.80
CA GLU A 52 -2.24 12.06 1.29
C GLU A 52 -2.32 12.89 2.58
N GLY A 53 -1.54 13.96 2.63
CA GLY A 53 -1.54 14.81 3.81
C GLY A 53 -2.04 16.21 3.50
N HIS A 54 -1.65 16.74 2.36
CA HIS A 54 -2.07 18.09 1.95
C HIS A 54 -3.06 18.02 0.79
N PRO A 55 -4.03 18.95 0.78
CA PRO A 55 -5.05 19.04 -0.27
C PRO A 55 -4.47 19.46 -1.61
N THR A 56 -5.06 18.95 -2.69
CA THR A 56 -4.61 19.28 -4.03
C THR A 56 -5.74 19.88 -4.86
N SER A 57 -5.47 21.02 -5.49
CA SER A 57 -6.46 21.70 -6.31
C SER A 57 -7.66 22.14 -5.46
N SER A 58 -7.38 22.62 -4.26
CA SER A 58 -8.43 23.06 -3.35
C SER A 58 -8.95 24.43 -3.76
N GLY A 59 -10.07 24.46 -4.46
CA GLY A 59 -10.65 25.71 -4.90
C GLY A 59 -12.16 25.64 -5.04
N PRO A 60 -12.84 26.76 -4.79
CA PRO A 60 -14.30 26.85 -4.88
C PRO A 60 -14.80 26.75 -6.32
N SER A 61 -13.89 26.43 -7.23
CA SER A 61 -14.24 26.31 -8.64
C SER A 61 -14.97 25.00 -8.91
N SER A 62 -16.01 24.74 -8.12
CA SER A 62 -16.80 23.52 -8.26
C SER A 62 -18.12 23.64 -7.52
N GLY A 63 -19.21 23.32 -8.23
CA GLY A 63 -20.53 23.40 -7.62
C GLY A 63 -21.27 24.66 -8.01
ZN ZN B . 6.49 -3.11 -5.13
ZN ZN C . 4.84 6.69 0.61
N GLY A 1 -22.49 -13.60 -17.76
CA GLY A 1 -22.35 -14.37 -16.54
C GLY A 1 -20.91 -14.51 -16.10
N SER A 2 -20.72 -14.88 -14.84
CA SER A 2 -19.38 -15.04 -14.28
C SER A 2 -19.42 -15.90 -13.02
N SER A 3 -18.44 -16.81 -12.91
CA SER A 3 -18.37 -17.69 -11.75
C SER A 3 -16.91 -17.93 -11.35
N GLY A 4 -16.53 -17.41 -10.18
CA GLY A 4 -15.17 -17.58 -9.71
C GLY A 4 -15.01 -17.17 -8.26
N SER A 5 -13.93 -17.62 -7.63
CA SER A 5 -13.67 -17.29 -6.24
C SER A 5 -12.20 -16.88 -6.04
N SER A 6 -12.00 -15.77 -5.35
CA SER A 6 -10.65 -15.26 -5.09
C SER A 6 -10.31 -15.36 -3.61
N GLY A 7 -9.12 -15.88 -3.32
CA GLY A 7 -8.70 -16.02 -1.94
C GLY A 7 -7.44 -15.23 -1.64
N ARG A 8 -7.60 -14.06 -1.03
CA ARG A 8 -6.46 -13.21 -0.69
C ARG A 8 -6.12 -13.32 0.78
N LYS A 9 -5.28 -14.30 1.12
CA LYS A 9 -4.87 -14.52 2.50
C LYS A 9 -4.33 -13.23 3.12
N ILE A 10 -5.08 -12.68 4.06
CA ILE A 10 -4.67 -11.46 4.74
C ILE A 10 -3.17 -11.44 4.99
N PHE A 11 -2.65 -12.55 5.52
CA PHE A 11 -1.23 -12.66 5.80
C PHE A 11 -0.39 -12.05 4.69
N THR A 12 -0.53 -12.60 3.49
CA THR A 12 0.21 -12.10 2.33
C THR A 12 -0.40 -10.82 1.78
N ASN A 13 0.36 -9.74 1.83
CA ASN A 13 -0.12 -8.45 1.34
C ASN A 13 0.35 -8.21 -0.09
N LYS A 14 -0.20 -7.17 -0.72
CA LYS A 14 0.16 -6.82 -2.09
C LYS A 14 0.71 -5.41 -2.17
N CYS A 15 1.73 -5.22 -3.00
CA CYS A 15 2.35 -3.91 -3.16
C CYS A 15 1.45 -2.99 -3.97
N GLU A 16 1.40 -1.72 -3.59
CA GLU A 16 0.58 -0.73 -4.29
C GLU A 16 1.42 0.11 -5.23
N ARG A 17 2.57 -0.43 -5.63
CA ARG A 17 3.47 0.28 -6.54
C ARG A 17 3.16 -0.08 -8.00
N ALA A 18 3.29 0.90 -8.88
CA ALA A 18 3.03 0.68 -10.30
C ALA A 18 4.00 -0.34 -10.89
N GLY A 19 3.50 -1.17 -11.79
CA GLY A 19 4.34 -2.19 -12.40
C GLY A 19 5.03 -3.06 -11.39
N CYS A 20 4.35 -3.37 -10.30
CA CYS A 20 4.91 -4.20 -9.25
C CYS A 20 3.88 -5.20 -8.72
N ARG A 21 4.32 -6.43 -8.49
CA ARG A 21 3.44 -7.48 -8.00
C ARG A 21 4.09 -8.26 -6.86
N GLN A 22 4.84 -7.54 -6.03
CA GLN A 22 5.53 -8.17 -4.90
C GLN A 22 4.52 -8.70 -3.88
N ARG A 23 4.91 -9.76 -3.19
CA ARG A 23 4.04 -10.38 -2.18
C ARG A 23 4.81 -10.65 -0.89
N GLU A 24 4.97 -9.62 -0.07
CA GLU A 24 5.68 -9.75 1.19
C GLU A 24 4.81 -10.42 2.25
N MET A 25 5.34 -11.49 2.86
CA MET A 25 4.61 -12.21 3.89
C MET A 25 4.07 -11.26 4.96
N MET A 26 4.88 -10.26 5.31
CA MET A 26 4.49 -9.28 6.31
C MET A 26 3.92 -8.02 5.65
N LYS A 27 3.24 -7.20 6.45
CA LYS A 27 2.65 -5.96 5.95
C LYS A 27 3.62 -4.80 6.11
N LEU A 28 3.87 -4.09 5.02
CA LEU A 28 4.78 -2.94 5.05
C LEU A 28 4.08 -1.68 4.53
N THR A 29 3.59 -0.87 5.46
CA THR A 29 2.89 0.36 5.11
C THR A 29 3.84 1.56 5.18
N CYS A 30 3.68 2.49 4.25
CA CYS A 30 4.52 3.68 4.20
C CYS A 30 4.30 4.55 5.44
N GLU A 31 5.23 5.47 5.68
CA GLU A 31 5.14 6.37 6.83
C GLU A 31 4.68 7.75 6.41
N ARG A 32 4.64 7.99 5.11
CA ARG A 32 4.22 9.28 4.57
C ARG A 32 2.81 9.20 3.99
N CYS A 33 2.61 8.25 3.08
CA CYS A 33 1.31 8.06 2.45
C CYS A 33 0.49 7.00 3.18
N SER A 34 1.18 6.17 3.95
CA SER A 34 0.52 5.11 4.71
C SER A 34 -0.11 4.09 3.77
N ARG A 35 0.66 3.64 2.78
CA ARG A 35 0.18 2.66 1.82
C ARG A 35 1.04 1.40 1.84
N ASN A 36 0.43 0.28 1.46
CA ASN A 36 1.14 -0.99 1.44
C ASN A 36 2.15 -1.04 0.29
N PHE A 37 3.31 -1.64 0.54
CA PHE A 37 4.34 -1.74 -0.47
C PHE A 37 5.32 -2.87 -0.13
N CYS A 38 6.21 -3.19 -1.07
CA CYS A 38 7.20 -4.24 -0.88
C CYS A 38 8.53 -3.66 -0.43
N ILE A 39 9.30 -4.45 0.31
CA ILE A 39 10.61 -4.01 0.79
C ILE A 39 11.31 -3.15 -0.25
N LYS A 40 11.20 -3.53 -1.51
CA LYS A 40 11.83 -2.80 -2.60
C LYS A 40 11.22 -1.41 -2.74
N HIS A 41 9.89 -1.34 -2.64
CA HIS A 41 9.18 -0.07 -2.75
C HIS A 41 8.62 0.37 -1.40
N ARG A 42 9.22 -0.15 -0.32
CA ARG A 42 8.78 0.18 1.02
C ARG A 42 9.13 1.62 1.37
N HIS A 43 10.20 2.13 0.77
CA HIS A 43 10.65 3.49 1.02
C HIS A 43 9.95 4.47 0.07
N PRO A 44 9.61 5.66 0.60
CA PRO A 44 8.94 6.70 -0.18
C PRO A 44 9.86 7.32 -1.24
N LEU A 45 11.06 6.78 -1.35
CA LEU A 45 12.04 7.28 -2.31
C LEU A 45 12.08 6.39 -3.55
N ASP A 46 11.68 5.13 -3.39
CA ASP A 46 11.68 4.18 -4.49
C ASP A 46 10.25 3.91 -4.97
N HIS A 47 9.36 4.89 -4.76
CA HIS A 47 7.97 4.75 -5.16
C HIS A 47 7.25 6.10 -5.10
N ASP A 48 6.50 6.41 -6.15
CA ASP A 48 5.77 7.67 -6.21
C ASP A 48 4.90 7.85 -4.97
N CYS A 49 5.42 8.58 -3.99
CA CYS A 49 4.69 8.84 -2.76
C CYS A 49 3.78 10.05 -2.90
N SER A 50 2.66 10.04 -2.17
CA SER A 50 1.71 11.14 -2.22
C SER A 50 1.73 11.94 -0.92
N GLY A 51 1.32 11.30 0.17
CA GLY A 51 1.30 11.97 1.46
C GLY A 51 -0.05 12.54 1.80
N GLU A 52 -0.90 11.71 2.42
CA GLU A 52 -2.24 12.14 2.79
C GLU A 52 -2.20 13.45 3.56
N GLY A 53 -2.54 14.55 2.89
CA GLY A 53 -2.53 15.85 3.52
C GLY A 53 -1.49 16.78 2.93
N HIS A 54 -1.94 17.93 2.43
CA HIS A 54 -1.04 18.91 1.83
C HIS A 54 -0.24 19.64 2.90
N PRO A 55 0.98 20.09 2.54
CA PRO A 55 1.86 20.80 3.46
C PRO A 55 1.34 22.20 3.78
N THR A 56 0.42 22.69 2.97
CA THR A 56 -0.15 24.02 3.17
C THR A 56 -1.33 23.97 4.14
N SER A 57 -1.14 24.53 5.32
CA SER A 57 -2.18 24.55 6.34
C SER A 57 -3.08 25.78 6.19
N SER A 58 -2.45 26.94 6.02
CA SER A 58 -3.18 28.18 5.87
C SER A 58 -2.67 28.98 4.67
N GLY A 59 -3.56 29.31 3.75
CA GLY A 59 -3.17 30.06 2.56
C GLY A 59 -3.56 31.52 2.67
N PRO A 60 -2.61 32.41 2.32
CA PRO A 60 -2.83 33.86 2.36
C PRO A 60 -3.80 34.33 1.29
N SER A 61 -4.28 33.39 0.48
CA SER A 61 -5.21 33.71 -0.59
C SER A 61 -4.60 34.73 -1.56
N SER A 62 -3.30 34.57 -1.83
CA SER A 62 -2.60 35.47 -2.73
C SER A 62 -2.74 35.01 -4.18
N GLY A 63 -2.44 35.91 -5.12
CA GLY A 63 -2.53 35.57 -6.52
C GLY A 63 -1.39 34.71 -6.99
ZN ZN B . 6.68 -3.07 -4.94
ZN ZN C . 4.75 6.52 0.47
N GLY A 1 -17.85 -27.94 7.45
CA GLY A 1 -18.63 -27.00 6.67
C GLY A 1 -17.78 -26.16 5.75
N SER A 2 -17.26 -26.78 4.70
CA SER A 2 -16.41 -26.08 3.74
C SER A 2 -15.39 -25.20 4.45
N SER A 3 -14.80 -25.74 5.52
CA SER A 3 -13.80 -25.01 6.29
C SER A 3 -12.39 -25.38 5.85
N GLY A 4 -11.88 -24.67 4.85
CA GLY A 4 -10.54 -24.94 4.36
C GLY A 4 -10.52 -26.06 3.35
N SER A 5 -10.20 -25.73 2.09
CA SER A 5 -10.14 -26.73 1.03
C SER A 5 -8.75 -26.79 0.43
N SER A 6 -7.74 -26.92 1.28
CA SER A 6 -6.35 -27.00 0.84
C SER A 6 -5.99 -25.76 0.02
N GLY A 7 -6.40 -24.59 0.49
CA GLY A 7 -6.10 -23.36 -0.21
C GLY A 7 -5.03 -22.54 0.49
N ARG A 8 -4.17 -21.89 -0.29
CA ARG A 8 -3.10 -21.08 0.25
C ARG A 8 -3.67 -19.98 1.15
N LYS A 9 -3.01 -19.76 2.29
CA LYS A 9 -3.44 -18.74 3.23
C LYS A 9 -3.31 -17.34 2.63
N ILE A 10 -4.34 -16.51 2.83
CA ILE A 10 -4.33 -15.16 2.31
C ILE A 10 -3.72 -14.18 3.31
N PHE A 11 -2.47 -14.43 3.67
CA PHE A 11 -1.76 -13.58 4.63
C PHE A 11 -0.62 -12.82 3.94
N THR A 12 -0.80 -12.55 2.64
CA THR A 12 0.21 -11.83 1.87
C THR A 12 -0.35 -10.54 1.29
N ASN A 13 0.34 -9.44 1.54
CA ASN A 13 -0.10 -8.14 1.04
C ASN A 13 0.43 -7.90 -0.37
N LYS A 14 -0.36 -7.17 -1.17
CA LYS A 14 0.03 -6.86 -2.55
C LYS A 14 0.50 -5.42 -2.67
N CYS A 15 1.74 -5.24 -3.08
CA CYS A 15 2.32 -3.91 -3.25
C CYS A 15 1.39 -3.03 -4.06
N GLU A 16 1.28 -1.76 -3.67
CA GLU A 16 0.43 -0.81 -4.37
C GLU A 16 1.23 -0.03 -5.42
N ARG A 17 2.34 -0.60 -5.85
CA ARG A 17 3.20 0.04 -6.84
C ARG A 17 2.80 -0.38 -8.25
N ALA A 18 2.97 0.51 -9.21
CA ALA A 18 2.63 0.23 -10.59
C ALA A 18 3.44 -0.95 -11.12
N GLY A 19 2.80 -1.78 -11.93
CA GLY A 19 3.48 -2.93 -12.50
C GLY A 19 4.34 -3.65 -11.49
N CYS A 20 3.83 -3.78 -10.26
CA CYS A 20 4.56 -4.46 -9.19
C CYS A 20 3.68 -5.47 -8.48
N ARG A 21 3.90 -6.75 -8.77
CA ARG A 21 3.12 -7.82 -8.16
C ARG A 21 3.90 -8.49 -7.04
N GLN A 22 4.59 -7.67 -6.24
CA GLN A 22 5.38 -8.19 -5.13
C GLN A 22 4.50 -8.45 -3.91
N ARG A 23 4.48 -9.69 -3.46
CA ARG A 23 3.67 -10.08 -2.31
C ARG A 23 4.56 -10.33 -1.09
N GLU A 24 4.89 -9.27 -0.37
CA GLU A 24 5.73 -9.38 0.81
C GLU A 24 5.02 -10.17 1.92
N MET A 25 5.76 -11.09 2.54
CA MET A 25 5.21 -11.90 3.61
C MET A 25 4.76 -11.05 4.79
N MET A 26 5.55 -10.04 5.11
CA MET A 26 5.23 -9.13 6.21
C MET A 26 4.62 -7.83 5.70
N LYS A 27 3.50 -7.45 6.28
CA LYS A 27 2.81 -6.22 5.89
C LYS A 27 3.73 -5.01 6.00
N LEU A 28 3.75 -4.18 4.96
CA LEU A 28 4.59 -2.99 4.96
C LEU A 28 3.82 -1.78 4.48
N THR A 29 3.51 -0.87 5.40
CA THR A 29 2.77 0.35 5.07
C THR A 29 3.64 1.58 5.24
N CYS A 30 3.61 2.46 4.24
CA CYS A 30 4.40 3.68 4.27
C CYS A 30 4.05 4.52 5.51
N GLU A 31 4.89 5.51 5.81
CA GLU A 31 4.65 6.38 6.96
C GLU A 31 4.15 7.74 6.52
N ARG A 32 4.22 8.00 5.22
CA ARG A 32 3.77 9.28 4.66
C ARG A 32 2.40 9.13 4.03
N CYS A 33 2.28 8.21 3.07
CA CYS A 33 1.03 7.99 2.38
C CYS A 33 0.20 6.92 3.10
N SER A 34 0.86 6.11 3.92
CA SER A 34 0.19 5.06 4.66
C SER A 34 -0.40 4.00 3.71
N ARG A 35 0.40 3.60 2.72
CA ARG A 35 -0.05 2.61 1.75
C ARG A 35 0.85 1.38 1.79
N ASN A 36 0.30 0.24 1.39
CA ASN A 36 1.05 -1.02 1.38
C ASN A 36 2.05 -1.04 0.22
N PHE A 37 3.20 -1.63 0.46
CA PHE A 37 4.24 -1.72 -0.56
C PHE A 37 5.23 -2.84 -0.23
N CYS A 38 6.14 -3.11 -1.17
CA CYS A 38 7.14 -4.15 -0.98
C CYS A 38 8.46 -3.56 -0.50
N ILE A 39 9.20 -4.35 0.29
CA ILE A 39 10.48 -3.90 0.81
C ILE A 39 11.23 -3.05 -0.20
N LYS A 40 11.12 -3.42 -1.47
CA LYS A 40 11.79 -2.69 -2.55
C LYS A 40 11.20 -1.29 -2.70
N HIS A 41 9.87 -1.21 -2.64
CA HIS A 41 9.17 0.07 -2.77
C HIS A 41 8.62 0.53 -1.42
N ARG A 42 9.13 -0.06 -0.35
CA ARG A 42 8.69 0.29 1.00
C ARG A 42 9.17 1.68 1.39
N HIS A 43 10.33 2.08 0.87
CA HIS A 43 10.89 3.39 1.16
C HIS A 43 10.25 4.46 0.30
N PRO A 44 10.00 5.64 0.88
CA PRO A 44 9.38 6.77 0.18
C PRO A 44 10.31 7.37 -0.86
N LEU A 45 11.46 6.75 -1.06
CA LEU A 45 12.44 7.23 -2.03
C LEU A 45 12.44 6.35 -3.28
N ASP A 46 12.02 5.10 -3.12
CA ASP A 46 11.96 4.16 -4.24
C ASP A 46 10.52 3.96 -4.71
N HIS A 47 9.67 4.94 -4.41
CA HIS A 47 8.27 4.87 -4.81
C HIS A 47 7.63 6.25 -4.79
N ASP A 48 6.93 6.59 -5.87
CA ASP A 48 6.27 7.88 -5.98
C ASP A 48 5.33 8.12 -4.79
N CYS A 49 5.88 8.67 -3.71
CA CYS A 49 5.10 8.95 -2.52
C CYS A 49 4.20 10.16 -2.72
N SER A 50 2.99 10.09 -2.17
CA SER A 50 2.03 11.18 -2.30
C SER A 50 1.90 11.94 -0.99
N GLY A 51 1.65 11.21 0.10
CA GLY A 51 1.50 11.83 1.39
C GLY A 51 0.58 13.03 1.36
N GLU A 52 -0.72 12.79 1.28
CA GLU A 52 -1.70 13.87 1.24
C GLU A 52 -2.25 14.17 2.63
N GLY A 53 -2.24 13.15 3.50
CA GLY A 53 -2.73 13.33 4.86
C GLY A 53 -3.89 14.30 4.93
N HIS A 54 -3.76 15.31 5.79
CA HIS A 54 -4.80 16.31 5.95
C HIS A 54 -4.21 17.66 6.37
N PRO A 55 -4.55 18.71 5.61
CA PRO A 55 -4.07 20.06 5.88
C PRO A 55 -4.66 20.66 7.15
N THR A 56 -5.98 20.53 7.29
CA THR A 56 -6.67 21.06 8.47
C THR A 56 -5.84 20.85 9.73
N SER A 57 -5.40 21.95 10.34
CA SER A 57 -4.59 21.88 11.56
C SER A 57 -5.49 21.85 12.79
N SER A 58 -6.57 21.08 12.71
CA SER A 58 -7.51 20.97 13.83
C SER A 58 -6.88 20.18 14.98
N GLY A 59 -7.59 20.14 16.11
CA GLY A 59 -7.10 19.43 17.26
C GLY A 59 -6.18 20.28 18.12
N PRO A 60 -6.29 20.13 19.45
CA PRO A 60 -5.48 20.88 20.41
C PRO A 60 -4.02 20.45 20.39
N SER A 61 -3.71 19.48 19.54
CA SER A 61 -2.34 18.97 19.43
C SER A 61 -1.58 19.69 18.31
N SER A 62 -0.37 20.15 18.62
CA SER A 62 0.45 20.86 17.65
C SER A 62 -0.42 21.73 16.74
N GLY A 63 -1.33 22.48 17.34
CA GLY A 63 -2.20 23.34 16.57
C GLY A 63 -1.44 24.32 15.70
ZN ZN B . 6.56 -3.00 -5.07
ZN ZN C . 4.68 6.71 0.65
N GLY A 1 -21.31 -11.98 -7.46
CA GLY A 1 -21.26 -13.27 -6.79
C GLY A 1 -20.65 -14.35 -7.66
N SER A 2 -19.42 -14.74 -7.33
CA SER A 2 -18.72 -15.77 -8.09
C SER A 2 -19.05 -17.16 -7.56
N SER A 3 -18.50 -18.19 -8.21
CA SER A 3 -18.74 -19.57 -7.81
C SER A 3 -17.81 -19.96 -6.65
N GLY A 4 -16.53 -19.63 -6.78
CA GLY A 4 -15.57 -19.95 -5.75
C GLY A 4 -15.05 -18.72 -5.03
N SER A 5 -13.91 -18.85 -4.37
CA SER A 5 -13.31 -17.75 -3.64
C SER A 5 -12.47 -16.87 -4.56
N SER A 6 -12.97 -15.66 -4.83
CA SER A 6 -12.27 -14.73 -5.70
C SER A 6 -11.35 -13.82 -4.89
N GLY A 7 -11.92 -13.16 -3.88
CA GLY A 7 -11.14 -12.25 -3.05
C GLY A 7 -9.72 -12.75 -2.85
N ARG A 8 -8.79 -11.80 -2.73
CA ARG A 8 -7.39 -12.15 -2.53
C ARG A 8 -7.16 -12.80 -1.18
N LYS A 9 -5.92 -13.21 -0.92
CA LYS A 9 -5.58 -13.85 0.35
C LYS A 9 -4.94 -12.85 1.31
N ILE A 10 -5.47 -12.78 2.53
CA ILE A 10 -4.95 -11.87 3.53
C ILE A 10 -3.56 -12.29 3.98
N PHE A 11 -3.34 -13.60 4.06
CA PHE A 11 -2.05 -14.14 4.48
C PHE A 11 -0.90 -13.28 3.94
N THR A 12 -0.78 -13.24 2.61
CA THR A 12 0.27 -12.45 1.97
C THR A 12 -0.27 -11.13 1.44
N ASN A 13 0.36 -10.04 1.85
CA ASN A 13 -0.06 -8.71 1.42
C ASN A 13 0.30 -8.48 -0.05
N LYS A 14 -0.12 -7.34 -0.59
CA LYS A 14 0.15 -7.00 -1.97
C LYS A 14 0.59 -5.54 -2.10
N CYS A 15 1.79 -5.33 -2.64
CA CYS A 15 2.32 -3.99 -2.82
C CYS A 15 1.34 -3.11 -3.60
N GLU A 16 1.27 -1.83 -3.25
CA GLU A 16 0.38 -0.90 -3.92
C GLU A 16 1.09 -0.18 -5.06
N ARG A 17 2.18 -0.78 -5.54
CA ARG A 17 2.95 -0.21 -6.63
C ARG A 17 2.52 -0.79 -7.97
N ALA A 18 1.76 -0.01 -8.73
CA ALA A 18 1.27 -0.45 -10.03
C ALA A 18 2.31 -1.29 -10.75
N GLY A 19 3.44 -0.68 -11.09
CA GLY A 19 4.50 -1.39 -11.78
C GLY A 19 5.27 -2.31 -10.85
N CYS A 20 4.54 -3.10 -10.06
CA CYS A 20 5.17 -4.03 -9.13
C CYS A 20 4.36 -5.33 -9.04
N ARG A 21 5.05 -6.44 -8.85
CA ARG A 21 4.41 -7.74 -8.75
C ARG A 21 4.96 -8.53 -7.56
N GLN A 22 5.35 -7.82 -6.52
CA GLN A 22 5.90 -8.45 -5.33
C GLN A 22 4.79 -8.79 -4.33
N ARG A 23 5.01 -9.85 -3.56
CA ARG A 23 4.04 -10.28 -2.57
C ARG A 23 4.69 -10.52 -1.21
N GLU A 24 5.05 -9.43 -0.54
CA GLU A 24 5.70 -9.51 0.77
C GLU A 24 4.79 -10.24 1.77
N MET A 25 5.38 -11.16 2.52
CA MET A 25 4.63 -11.91 3.53
C MET A 25 4.16 -11.01 4.65
N MET A 26 4.98 -10.02 5.00
CA MET A 26 4.65 -9.09 6.07
C MET A 26 4.01 -7.81 5.50
N LYS A 27 3.13 -7.20 6.28
CA LYS A 27 2.47 -5.97 5.85
C LYS A 27 3.35 -4.76 6.10
N LEU A 28 3.74 -4.08 5.02
CA LEU A 28 4.58 -2.90 5.12
C LEU A 28 3.84 -1.66 4.63
N THR A 29 3.62 -0.71 5.53
CA THR A 29 2.92 0.52 5.19
C THR A 29 3.87 1.72 5.24
N CYS A 30 3.67 2.66 4.31
CA CYS A 30 4.50 3.85 4.25
C CYS A 30 4.31 4.73 5.48
N GLU A 31 5.21 5.69 5.67
CA GLU A 31 5.13 6.58 6.81
C GLU A 31 4.54 7.94 6.40
N ARG A 32 4.52 8.20 5.10
CA ARG A 32 3.99 9.45 4.58
C ARG A 32 2.57 9.25 4.04
N CYS A 33 2.45 8.37 3.06
CA CYS A 33 1.15 8.09 2.45
C CYS A 33 0.41 7.00 3.23
N SER A 34 1.15 6.24 4.02
CA SER A 34 0.57 5.16 4.81
C SER A 34 -0.07 4.11 3.91
N ARG A 35 0.62 3.79 2.82
CA ARG A 35 0.13 2.80 1.87
C ARG A 35 0.97 1.52 1.92
N ASN A 36 0.38 0.40 1.53
CA ASN A 36 1.07 -0.88 1.54
C ASN A 36 2.06 -0.96 0.37
N PHE A 37 3.23 -1.52 0.64
CA PHE A 37 4.26 -1.67 -0.39
C PHE A 37 5.24 -2.79 -0.02
N CYS A 38 6.15 -3.08 -0.94
CA CYS A 38 7.14 -4.14 -0.72
C CYS A 38 8.48 -3.54 -0.29
N ILE A 39 9.24 -4.31 0.48
CA ILE A 39 10.55 -3.86 0.96
C ILE A 39 11.26 -3.03 -0.10
N LYS A 40 11.10 -3.44 -1.36
CA LYS A 40 11.74 -2.74 -2.48
C LYS A 40 11.14 -1.34 -2.65
N HIS A 41 9.81 -1.25 -2.55
CA HIS A 41 9.13 0.02 -2.69
C HIS A 41 8.61 0.51 -1.35
N ARG A 42 9.15 -0.04 -0.27
CA ARG A 42 8.73 0.33 1.08
C ARG A 42 9.20 1.75 1.42
N HIS A 43 10.35 2.13 0.87
CA HIS A 43 10.90 3.46 1.11
C HIS A 43 10.23 4.50 0.22
N PRO A 44 10.01 5.70 0.77
CA PRO A 44 9.38 6.80 0.04
C PRO A 44 10.28 7.37 -1.05
N LEU A 45 11.43 6.74 -1.24
CA LEU A 45 12.39 7.17 -2.26
C LEU A 45 12.35 6.24 -3.46
N ASP A 46 11.93 5.00 -3.25
CA ASP A 46 11.84 4.01 -4.31
C ASP A 46 10.39 3.77 -4.72
N HIS A 47 9.55 4.79 -4.55
CA HIS A 47 8.14 4.68 -4.89
C HIS A 47 7.48 6.06 -4.92
N ASP A 48 6.74 6.33 -5.99
CA ASP A 48 6.06 7.61 -6.14
C ASP A 48 5.17 7.90 -4.94
N CYS A 49 5.74 8.54 -3.93
CA CYS A 49 5.00 8.88 -2.72
C CYS A 49 4.07 10.07 -2.96
N SER A 50 2.96 10.09 -2.22
CA SER A 50 1.99 11.17 -2.36
C SER A 50 1.91 12.01 -1.09
N GLY A 51 1.84 11.34 0.05
CA GLY A 51 1.78 12.04 1.32
C GLY A 51 0.37 12.50 1.66
N GLU A 52 -0.36 11.68 2.41
CA GLU A 52 -1.73 12.00 2.80
C GLU A 52 -1.75 12.81 4.10
N GLY A 53 -1.05 12.29 5.11
CA GLY A 53 -1.00 12.96 6.39
C GLY A 53 -2.30 13.68 6.73
N HIS A 54 -2.19 14.80 7.42
CA HIS A 54 -3.37 15.57 7.81
C HIS A 54 -3.97 16.28 6.59
N PRO A 55 -5.29 16.52 6.65
CA PRO A 55 -6.02 17.19 5.56
C PRO A 55 -5.65 18.67 5.46
N THR A 56 -4.76 18.98 4.53
CA THR A 56 -4.32 20.35 4.32
C THR A 56 -5.51 21.31 4.30
N SER A 57 -5.22 22.60 4.38
CA SER A 57 -6.27 23.62 4.38
C SER A 57 -5.77 24.91 3.74
N SER A 58 -6.68 25.67 3.14
CA SER A 58 -6.33 26.92 2.50
C SER A 58 -7.57 27.80 2.31
N GLY A 59 -7.39 29.10 2.50
CA GLY A 59 -8.49 30.03 2.34
C GLY A 59 -8.61 30.99 3.52
N PRO A 60 -7.68 31.96 3.59
CA PRO A 60 -7.67 32.96 4.65
C PRO A 60 -8.83 33.94 4.56
N SER A 61 -9.97 33.55 5.11
CA SER A 61 -11.16 34.39 5.09
C SER A 61 -11.37 35.08 6.43
N SER A 62 -10.95 36.34 6.52
CA SER A 62 -11.09 37.11 7.74
C SER A 62 -12.49 37.71 7.86
N GLY A 63 -13.50 36.88 7.61
CA GLY A 63 -14.87 37.36 7.69
C GLY A 63 -15.01 38.80 7.25
ZN ZN B . 6.51 -2.95 -4.69
ZN ZN C . 4.71 6.82 0.50
N GLY A 1 -19.14 -21.80 -17.82
CA GLY A 1 -18.13 -21.30 -16.89
C GLY A 1 -16.76 -21.86 -17.17
N SER A 2 -15.73 -21.11 -16.79
CA SER A 2 -14.35 -21.53 -17.01
C SER A 2 -13.57 -21.52 -15.70
N SER A 3 -12.44 -22.24 -15.68
CA SER A 3 -11.60 -22.31 -14.49
C SER A 3 -10.59 -21.17 -14.47
N GLY A 4 -9.84 -21.08 -13.38
CA GLY A 4 -8.84 -20.03 -13.25
C GLY A 4 -8.02 -20.16 -11.98
N SER A 5 -7.03 -21.04 -12.00
CA SER A 5 -6.17 -21.26 -10.83
C SER A 5 -5.61 -19.94 -10.32
N SER A 6 -5.83 -19.66 -9.03
CA SER A 6 -5.35 -18.43 -8.43
C SER A 6 -5.10 -18.63 -6.93
N GLY A 7 -4.18 -17.84 -6.38
CA GLY A 7 -3.87 -17.94 -4.97
C GLY A 7 -4.08 -16.64 -4.23
N ARG A 8 -4.59 -16.74 -3.00
CA ARG A 8 -4.85 -15.55 -2.18
C ARG A 8 -4.89 -15.92 -0.71
N LYS A 9 -4.09 -15.23 0.10
CA LYS A 9 -4.04 -15.47 1.53
C LYS A 9 -3.79 -14.18 2.30
N ILE A 10 -4.83 -13.68 2.96
CA ILE A 10 -4.73 -12.45 3.73
C ILE A 10 -3.38 -12.34 4.43
N PHE A 11 -2.94 -13.45 5.04
CA PHE A 11 -1.67 -13.47 5.73
C PHE A 11 -0.62 -12.63 4.99
N THR A 12 -0.56 -12.80 3.68
CA THR A 12 0.39 -12.06 2.86
C THR A 12 -0.17 -10.70 2.46
N ASN A 13 0.71 -9.82 2.01
CA ASN A 13 0.31 -8.48 1.60
C ASN A 13 0.72 -8.20 0.15
N LYS A 14 0.15 -7.16 -0.43
CA LYS A 14 0.46 -6.79 -1.81
C LYS A 14 1.02 -5.37 -1.87
N CYS A 15 1.83 -5.11 -2.89
CA CYS A 15 2.43 -3.79 -3.08
C CYS A 15 1.49 -2.87 -3.86
N GLU A 16 1.35 -1.64 -3.39
CA GLU A 16 0.49 -0.66 -4.05
C GLU A 16 1.27 0.15 -5.08
N ARG A 17 2.28 -0.48 -5.67
CA ARG A 17 3.11 0.18 -6.67
C ARG A 17 2.64 -0.17 -8.09
N ALA A 18 2.92 0.72 -9.03
CA ALA A 18 2.53 0.51 -10.42
C ALA A 18 3.34 -0.61 -11.05
N GLY A 19 2.66 -1.51 -11.77
CA GLY A 19 3.33 -2.61 -12.41
C GLY A 19 4.20 -3.40 -11.46
N CYS A 20 3.72 -3.60 -10.24
CA CYS A 20 4.46 -4.33 -9.23
C CYS A 20 3.55 -5.34 -8.51
N ARG A 21 3.82 -6.63 -8.74
CA ARG A 21 3.04 -7.69 -8.13
C ARG A 21 3.85 -8.42 -7.06
N GLN A 22 4.60 -7.65 -6.27
CA GLN A 22 5.41 -8.22 -5.20
C GLN A 22 4.58 -8.49 -3.96
N ARG A 23 4.71 -9.70 -3.42
CA ARG A 23 3.96 -10.08 -2.23
C ARG A 23 4.89 -10.31 -1.05
N GLU A 24 4.82 -9.43 -0.06
CA GLU A 24 5.67 -9.54 1.12
C GLU A 24 4.94 -10.25 2.25
N MET A 25 5.50 -11.36 2.70
CA MET A 25 4.90 -12.14 3.79
C MET A 25 4.37 -11.22 4.88
N MET A 26 5.13 -10.18 5.20
CA MET A 26 4.74 -9.23 6.23
C MET A 26 4.15 -7.96 5.61
N LYS A 27 3.35 -7.24 6.38
CA LYS A 27 2.72 -6.02 5.91
C LYS A 27 3.69 -4.85 6.00
N LEU A 28 3.76 -4.05 4.94
CA LEU A 28 4.65 -2.89 4.89
C LEU A 28 3.90 -1.66 4.40
N THR A 29 3.52 -0.79 5.33
CA THR A 29 2.80 0.43 4.99
C THR A 29 3.69 1.65 5.17
N CYS A 30 3.68 2.54 4.17
CA CYS A 30 4.49 3.75 4.22
C CYS A 30 4.15 4.58 5.46
N GLU A 31 4.99 5.57 5.74
CA GLU A 31 4.78 6.44 6.91
C GLU A 31 4.22 7.79 6.48
N ARG A 32 4.41 8.13 5.22
CA ARG A 32 3.93 9.40 4.68
C ARG A 32 2.56 9.23 4.04
N CYS A 33 2.48 8.34 3.06
CA CYS A 33 1.22 8.09 2.36
C CYS A 33 0.40 7.03 3.09
N SER A 34 1.07 6.22 3.90
CA SER A 34 0.41 5.15 4.65
C SER A 34 -0.22 4.13 3.71
N ARG A 35 0.55 3.70 2.72
CA ARG A 35 0.07 2.73 1.75
C ARG A 35 0.94 1.48 1.77
N ASN A 36 0.35 0.35 1.36
CA ASN A 36 1.08 -0.91 1.33
C ASN A 36 2.08 -0.94 0.18
N PHE A 37 3.25 -1.53 0.43
CA PHE A 37 4.29 -1.62 -0.59
C PHE A 37 5.27 -2.74 -0.27
N CYS A 38 6.14 -3.05 -1.22
CA CYS A 38 7.13 -4.11 -1.03
C CYS A 38 8.47 -3.52 -0.55
N ILE A 39 9.20 -4.33 0.20
CA ILE A 39 10.49 -3.90 0.74
C ILE A 39 11.25 -3.04 -0.27
N LYS A 40 11.15 -3.41 -1.55
CA LYS A 40 11.82 -2.68 -2.62
C LYS A 40 11.22 -1.29 -2.77
N HIS A 41 9.90 -1.20 -2.66
CA HIS A 41 9.20 0.07 -2.80
C HIS A 41 8.64 0.52 -1.45
N ARG A 42 9.20 -0.02 -0.37
CA ARG A 42 8.75 0.33 0.97
C ARG A 42 9.23 1.71 1.36
N HIS A 43 10.43 2.06 0.92
CA HIS A 43 11.01 3.38 1.22
C HIS A 43 10.40 4.46 0.34
N PRO A 44 10.19 5.64 0.92
CA PRO A 44 9.61 6.79 0.20
C PRO A 44 10.57 7.36 -0.84
N LEU A 45 11.68 6.67 -1.06
CA LEU A 45 12.67 7.10 -2.03
C LEU A 45 12.62 6.24 -3.29
N ASP A 46 12.23 4.99 -3.12
CA ASP A 46 12.14 4.05 -4.23
C ASP A 46 10.69 3.87 -4.68
N HIS A 47 9.87 4.88 -4.41
CA HIS A 47 8.45 4.84 -4.78
C HIS A 47 7.84 6.23 -4.78
N ASP A 48 7.11 6.55 -5.84
CA ASP A 48 6.47 7.86 -5.96
C ASP A 48 5.54 8.12 -4.78
N CYS A 49 6.11 8.61 -3.68
CA CYS A 49 5.33 8.90 -2.49
C CYS A 49 4.40 10.08 -2.71
N SER A 50 3.11 9.90 -2.41
CA SER A 50 2.13 10.96 -2.59
C SER A 50 1.22 11.06 -1.37
N GLY A 51 1.81 10.96 -0.19
CA GLY A 51 1.04 11.04 1.04
C GLY A 51 0.62 12.46 1.36
N GLU A 52 1.54 13.25 1.91
CA GLU A 52 1.25 14.63 2.26
C GLU A 52 2.22 15.58 1.58
N GLY A 53 1.71 16.39 0.67
CA GLY A 53 2.55 17.34 -0.04
C GLY A 53 1.78 18.57 -0.49
N HIS A 54 2.04 19.01 -1.72
CA HIS A 54 1.36 20.18 -2.27
C HIS A 54 0.44 19.80 -3.42
N PRO A 55 -0.82 20.22 -3.34
CA PRO A 55 -1.83 19.93 -4.37
C PRO A 55 -1.55 20.68 -5.67
N THR A 56 -1.58 19.96 -6.78
CA THR A 56 -1.34 20.56 -8.09
C THR A 56 -2.62 21.18 -8.65
N SER A 57 -2.81 22.46 -8.37
CA SER A 57 -3.99 23.17 -8.85
C SER A 57 -3.60 24.42 -9.63
N SER A 58 -3.44 24.27 -10.94
CA SER A 58 -3.06 25.38 -11.80
C SER A 58 -4.29 26.13 -12.31
N GLY A 59 -5.25 26.35 -11.40
CA GLY A 59 -6.46 27.05 -11.78
C GLY A 59 -7.23 26.35 -12.88
N PRO A 60 -8.07 27.10 -13.60
CA PRO A 60 -8.88 26.56 -14.70
C PRO A 60 -8.04 26.18 -15.91
N SER A 61 -6.86 26.79 -16.01
CA SER A 61 -5.96 26.51 -17.12
C SER A 61 -6.69 26.59 -18.46
N SER A 62 -7.55 27.60 -18.60
CA SER A 62 -8.32 27.78 -19.82
C SER A 62 -7.78 28.96 -20.62
N GLY A 63 -7.78 30.14 -20.01
CA GLY A 63 -7.29 31.33 -20.69
C GLY A 63 -7.90 31.50 -22.07
ZN ZN B . 6.62 -3.04 -5.09
ZN ZN C . 4.89 6.85 0.61
N GLY A 1 -18.05 -28.23 -11.07
CA GLY A 1 -17.05 -27.30 -10.59
C GLY A 1 -17.66 -26.06 -9.95
N SER A 2 -16.86 -25.33 -9.18
CA SER A 2 -17.34 -24.13 -8.51
C SER A 2 -16.27 -23.05 -8.51
N SER A 3 -16.64 -21.85 -8.06
CA SER A 3 -15.70 -20.73 -8.00
C SER A 3 -14.36 -21.16 -7.43
N GLY A 4 -13.33 -20.35 -7.66
CA GLY A 4 -12.01 -20.66 -7.16
C GLY A 4 -11.48 -19.62 -6.20
N SER A 5 -10.17 -19.53 -6.08
CA SER A 5 -9.54 -18.56 -5.18
C SER A 5 -8.31 -17.94 -5.84
N SER A 6 -7.93 -16.76 -5.35
CA SER A 6 -6.77 -16.05 -5.89
C SER A 6 -5.59 -16.12 -4.93
N GLY A 7 -5.83 -15.73 -3.68
CA GLY A 7 -4.79 -15.76 -2.68
C GLY A 7 -4.98 -16.88 -1.67
N ARG A 8 -3.97 -17.74 -1.54
CA ARG A 8 -4.03 -18.85 -0.61
C ARG A 8 -3.85 -18.37 0.83
N LYS A 9 -2.76 -17.66 1.08
CA LYS A 9 -2.48 -17.14 2.41
C LYS A 9 -2.56 -15.62 2.43
N ILE A 10 -3.73 -15.10 2.82
CA ILE A 10 -3.93 -13.66 2.89
C ILE A 10 -2.71 -12.95 3.44
N PHE A 11 -2.00 -13.62 4.34
CA PHE A 11 -0.80 -13.05 4.95
C PHE A 11 0.08 -12.37 3.90
N THR A 12 0.28 -13.06 2.77
CA THR A 12 1.10 -12.53 1.69
C THR A 12 0.42 -11.32 1.04
N ASN A 13 0.71 -10.14 1.57
CA ASN A 13 0.14 -8.91 1.03
C ASN A 13 0.63 -8.65 -0.38
N LYS A 14 0.04 -7.65 -1.04
CA LYS A 14 0.41 -7.31 -2.41
C LYS A 14 0.77 -5.82 -2.51
N CYS A 15 1.98 -5.54 -2.99
CA CYS A 15 2.44 -4.16 -3.13
C CYS A 15 1.38 -3.31 -3.82
N GLU A 16 1.19 -2.09 -3.32
CA GLU A 16 0.21 -1.17 -3.89
C GLU A 16 0.84 -0.31 -4.97
N ARG A 17 1.98 -0.75 -5.49
CA ARG A 17 2.69 -0.02 -6.53
C ARG A 17 2.29 -0.52 -7.92
N ALA A 18 1.79 0.38 -8.74
CA ALA A 18 1.37 0.04 -10.09
C ALA A 18 2.45 -0.77 -10.82
N GLY A 19 2.03 -1.82 -11.51
CA GLY A 19 2.97 -2.65 -12.23
C GLY A 19 3.69 -3.65 -11.32
N CYS A 20 4.07 -3.18 -10.13
CA CYS A 20 4.77 -4.03 -9.17
C CYS A 20 3.82 -5.08 -8.59
N ARG A 21 4.19 -6.35 -8.76
CA ARG A 21 3.36 -7.45 -8.24
C ARG A 21 4.09 -8.19 -7.13
N GLN A 22 4.90 -7.46 -6.36
CA GLN A 22 5.66 -8.05 -5.26
C GLN A 22 4.71 -8.63 -4.21
N ARG A 23 5.19 -9.63 -3.49
CA ARG A 23 4.38 -10.28 -2.45
C ARG A 23 5.20 -10.48 -1.18
N GLU A 24 5.16 -9.48 -0.29
CA GLU A 24 5.90 -9.55 0.97
C GLU A 24 5.09 -10.29 2.03
N MET A 25 5.72 -11.25 2.69
CA MET A 25 5.06 -12.02 3.74
C MET A 25 4.58 -11.11 4.86
N MET A 26 5.39 -10.13 5.23
CA MET A 26 5.05 -9.19 6.28
C MET A 26 4.44 -7.93 5.71
N LYS A 27 3.50 -7.34 6.43
CA LYS A 27 2.83 -6.12 5.99
C LYS A 27 3.77 -4.92 6.10
N LEU A 28 3.86 -4.14 5.04
CA LEU A 28 4.72 -2.96 5.02
C LEU A 28 3.95 -1.74 4.52
N THR A 29 3.46 -0.94 5.46
CA THR A 29 2.72 0.26 5.12
C THR A 29 3.59 1.51 5.26
N CYS A 30 3.54 2.37 4.24
CA CYS A 30 4.33 3.59 4.24
C CYS A 30 3.97 4.47 5.44
N GLU A 31 4.81 5.46 5.71
CA GLU A 31 4.58 6.37 6.83
C GLU A 31 4.04 7.71 6.34
N ARG A 32 4.15 7.94 5.04
CA ARG A 32 3.68 9.18 4.44
C ARG A 32 2.28 9.00 3.83
N CYS A 33 2.17 8.06 2.90
CA CYS A 33 0.90 7.78 2.24
C CYS A 33 0.11 6.72 3.02
N SER A 34 0.80 5.97 3.85
CA SER A 34 0.16 4.92 4.65
C SER A 34 -0.45 3.86 3.74
N ARG A 35 0.37 3.30 2.85
CA ARG A 35 -0.09 2.27 1.93
C ARG A 35 0.86 1.09 1.93
N ASN A 36 0.34 -0.10 1.61
CA ASN A 36 1.14 -1.31 1.58
C ASN A 36 2.07 -1.30 0.37
N PHE A 37 3.27 -1.84 0.55
CA PHE A 37 4.26 -1.91 -0.52
C PHE A 37 5.31 -2.98 -0.24
N CYS A 38 6.24 -3.15 -1.17
CA CYS A 38 7.30 -4.14 -1.03
C CYS A 38 8.60 -3.48 -0.58
N ILE A 39 9.44 -4.26 0.10
CA ILE A 39 10.73 -3.75 0.58
C ILE A 39 11.34 -2.77 -0.42
N LYS A 40 11.22 -3.08 -1.70
CA LYS A 40 11.76 -2.23 -2.75
C LYS A 40 11.01 -0.90 -2.80
N HIS A 41 9.69 -0.96 -2.68
CA HIS A 41 8.86 0.24 -2.71
C HIS A 41 8.33 0.57 -1.32
N ARG A 42 9.00 0.07 -0.31
CA ARG A 42 8.60 0.30 1.08
C ARG A 42 9.00 1.71 1.53
N HIS A 43 10.15 2.17 1.04
CA HIS A 43 10.65 3.49 1.39
C HIS A 43 9.96 4.58 0.58
N PRO A 44 9.69 5.73 1.21
CA PRO A 44 9.02 6.86 0.57
C PRO A 44 9.91 7.53 -0.48
N LEU A 45 11.13 7.02 -0.64
CA LEU A 45 12.07 7.57 -1.59
C LEU A 45 12.41 6.55 -2.68
N ASP A 46 11.58 5.51 -2.78
CA ASP A 46 11.79 4.47 -3.77
C ASP A 46 10.55 4.29 -4.64
N HIS A 47 9.40 4.72 -4.12
CA HIS A 47 8.14 4.61 -4.86
C HIS A 47 7.56 6.00 -5.15
N ASP A 48 8.43 6.96 -5.39
CA ASP A 48 8.01 8.32 -5.68
C ASP A 48 6.82 8.72 -4.82
N CYS A 49 6.91 8.42 -3.52
CA CYS A 49 5.84 8.75 -2.59
C CYS A 49 5.28 10.14 -2.86
N SER A 50 4.01 10.33 -2.53
CA SER A 50 3.35 11.62 -2.74
C SER A 50 2.94 12.24 -1.41
N GLY A 51 2.35 11.43 -0.54
CA GLY A 51 1.92 11.93 0.76
C GLY A 51 0.45 12.31 0.77
N GLU A 52 -0.28 11.82 1.77
CA GLU A 52 -1.70 12.12 1.90
C GLU A 52 -1.91 13.56 2.36
N GLY A 53 -3.03 14.16 1.92
CA GLY A 53 -3.33 15.52 2.31
C GLY A 53 -4.73 15.67 2.86
N HIS A 54 -4.84 15.68 4.19
CA HIS A 54 -6.14 15.82 4.85
C HIS A 54 -6.59 17.27 4.84
N PRO A 55 -7.81 17.51 4.33
CA PRO A 55 -8.39 18.86 4.25
C PRO A 55 -8.76 19.41 5.63
N THR A 56 -7.94 20.31 6.14
CA THR A 56 -8.19 20.91 7.45
C THR A 56 -9.10 22.13 7.34
N SER A 57 -10.38 21.91 7.62
CA SER A 57 -11.36 22.99 7.54
C SER A 57 -11.26 23.91 8.76
N SER A 58 -10.41 24.90 8.66
CA SER A 58 -10.21 25.86 9.76
C SER A 58 -10.63 27.26 9.35
N GLY A 59 -11.81 27.68 9.80
CA GLY A 59 -12.31 29.00 9.47
C GLY A 59 -13.32 29.51 10.48
N PRO A 60 -14.08 30.54 10.09
CA PRO A 60 -15.10 31.14 10.95
C PRO A 60 -16.30 30.21 11.17
N SER A 61 -17.24 30.64 12.00
CA SER A 61 -18.43 29.85 12.30
C SER A 61 -19.66 30.47 11.66
N SER A 62 -19.81 31.78 11.81
CA SER A 62 -20.95 32.50 11.25
C SER A 62 -21.27 32.00 9.84
N GLY A 63 -22.55 31.81 9.56
CA GLY A 63 -22.96 31.34 8.25
C GLY A 63 -24.39 30.84 8.24
ZN ZN B . 6.58 -2.91 -5.01
ZN ZN C . 4.56 6.54 0.57
N GLY A 1 -15.90 -23.81 -9.95
CA GLY A 1 -15.89 -23.35 -8.57
C GLY A 1 -15.79 -24.50 -7.58
N SER A 2 -14.69 -25.23 -7.64
CA SER A 2 -14.48 -26.37 -6.74
C SER A 2 -14.27 -25.89 -5.31
N SER A 3 -14.30 -26.84 -4.38
CA SER A 3 -14.13 -26.51 -2.96
C SER A 3 -12.72 -26.86 -2.49
N GLY A 4 -12.12 -25.96 -1.72
CA GLY A 4 -10.78 -26.18 -1.23
C GLY A 4 -9.72 -26.00 -2.30
N SER A 5 -9.79 -24.87 -3.00
CA SER A 5 -8.82 -24.57 -4.06
C SER A 5 -8.23 -23.18 -3.88
N SER A 6 -7.89 -22.84 -2.64
CA SER A 6 -7.31 -21.54 -2.33
C SER A 6 -5.81 -21.67 -2.06
N GLY A 7 -5.02 -21.48 -3.11
CA GLY A 7 -3.57 -21.57 -2.97
C GLY A 7 -3.00 -20.47 -2.09
N ARG A 8 -3.10 -19.24 -2.57
CA ARG A 8 -2.58 -18.10 -1.83
C ARG A 8 -3.38 -17.88 -0.54
N LYS A 9 -2.72 -18.10 0.59
CA LYS A 9 -3.36 -17.92 1.90
C LYS A 9 -3.73 -16.46 2.14
N ILE A 10 -4.47 -16.22 3.21
CA ILE A 10 -4.88 -14.87 3.56
C ILE A 10 -3.94 -14.24 4.58
N PHE A 11 -2.65 -14.49 4.41
CA PHE A 11 -1.64 -13.95 5.32
C PHE A 11 -0.71 -12.99 4.59
N THR A 12 -0.29 -13.38 3.38
CA THR A 12 0.60 -12.56 2.59
C THR A 12 -0.03 -11.20 2.25
N ASN A 13 0.76 -10.30 1.70
CA ASN A 13 0.27 -8.97 1.33
C ASN A 13 0.65 -8.64 -0.10
N LYS A 14 0.01 -7.61 -0.65
CA LYS A 14 0.29 -7.17 -2.01
C LYS A 14 0.81 -5.74 -2.03
N CYS A 15 1.74 -5.47 -2.95
CA CYS A 15 2.33 -4.13 -3.07
C CYS A 15 1.38 -3.19 -3.80
N GLU A 16 1.48 -1.90 -3.49
CA GLU A 16 0.63 -0.89 -4.12
C GLU A 16 1.44 0.00 -5.05
N ARG A 17 2.52 -0.54 -5.59
CA ARG A 17 3.38 0.21 -6.50
C ARG A 17 3.05 -0.11 -7.95
N ALA A 18 3.09 0.92 -8.80
CA ALA A 18 2.79 0.75 -10.21
C ALA A 18 3.66 -0.34 -10.83
N GLY A 19 3.08 -1.09 -11.77
CA GLY A 19 3.82 -2.16 -12.42
C GLY A 19 4.59 -3.01 -11.44
N CYS A 20 3.96 -3.35 -10.32
CA CYS A 20 4.60 -4.17 -9.29
C CYS A 20 3.64 -5.22 -8.76
N ARG A 21 4.07 -6.48 -8.79
CA ARG A 21 3.24 -7.58 -8.30
C ARG A 21 4.00 -8.41 -7.28
N GLN A 22 4.77 -7.74 -6.43
CA GLN A 22 5.55 -8.42 -5.39
C GLN A 22 4.65 -8.89 -4.26
N ARG A 23 5.11 -9.90 -3.52
CA ARG A 23 4.34 -10.44 -2.41
C ARG A 23 5.19 -10.49 -1.14
N GLU A 24 4.79 -9.71 -0.14
CA GLU A 24 5.52 -9.67 1.12
C GLU A 24 4.76 -10.41 2.22
N MET A 25 5.46 -11.26 2.96
CA MET A 25 4.85 -12.03 4.03
C MET A 25 4.34 -11.10 5.14
N MET A 26 5.14 -10.10 5.47
CA MET A 26 4.78 -9.14 6.51
C MET A 26 4.15 -7.89 5.90
N LYS A 27 3.48 -7.11 6.74
CA LYS A 27 2.84 -5.88 6.29
C LYS A 27 3.83 -4.71 6.31
N LEU A 28 3.89 -4.00 5.19
CA LEU A 28 4.79 -2.85 5.07
C LEU A 28 4.05 -1.63 4.54
N THR A 29 3.53 -0.83 5.46
CA THR A 29 2.79 0.39 5.09
C THR A 29 3.66 1.63 5.23
N CYS A 30 3.64 2.48 4.22
CA CYS A 30 4.42 3.71 4.23
C CYS A 30 4.09 4.55 5.45
N GLU A 31 4.88 5.61 5.68
CA GLU A 31 4.68 6.49 6.82
C GLU A 31 4.13 7.84 6.36
N ARG A 32 4.23 8.11 5.06
CA ARG A 32 3.75 9.37 4.50
C ARG A 32 2.39 9.18 3.84
N CYS A 33 2.30 8.24 2.91
CA CYS A 33 1.05 7.97 2.22
C CYS A 33 0.21 6.96 2.99
N SER A 34 0.87 6.13 3.79
CA SER A 34 0.18 5.11 4.58
C SER A 34 -0.40 4.03 3.68
N ARG A 35 0.39 3.55 2.73
CA ARG A 35 -0.05 2.52 1.81
C ARG A 35 0.89 1.31 1.86
N ASN A 36 0.36 0.14 1.52
CA ASN A 36 1.14 -1.08 1.53
C ASN A 36 2.12 -1.12 0.36
N PHE A 37 3.29 -1.71 0.59
CA PHE A 37 4.31 -1.81 -0.44
C PHE A 37 5.31 -2.91 -0.11
N CYS A 38 6.14 -3.26 -1.09
CA CYS A 38 7.15 -4.29 -0.90
C CYS A 38 8.47 -3.70 -0.45
N ILE A 39 9.24 -4.47 0.32
CA ILE A 39 10.52 -4.02 0.82
C ILE A 39 11.26 -3.17 -0.21
N LYS A 40 11.14 -3.56 -1.48
CA LYS A 40 11.78 -2.83 -2.57
C LYS A 40 11.18 -1.44 -2.73
N HIS A 41 9.86 -1.36 -2.63
CA HIS A 41 9.15 -0.09 -2.76
C HIS A 41 8.61 0.37 -1.42
N ARG A 42 9.16 -0.18 -0.34
CA ARG A 42 8.73 0.17 1.01
C ARG A 42 9.19 1.58 1.37
N HIS A 43 10.25 2.04 0.72
CA HIS A 43 10.78 3.38 0.98
C HIS A 43 10.14 4.40 0.04
N PRO A 44 9.89 5.60 0.57
CA PRO A 44 9.27 6.69 -0.19
C PRO A 44 10.21 7.25 -1.25
N LEU A 45 11.38 6.64 -1.39
CA LEU A 45 12.37 7.07 -2.36
C LEU A 45 12.33 6.20 -3.61
N ASP A 46 11.85 4.97 -3.45
CA ASP A 46 11.75 4.04 -4.57
C ASP A 46 10.30 3.84 -4.98
N HIS A 47 9.48 4.84 -4.74
CA HIS A 47 8.06 4.78 -5.09
C HIS A 47 7.41 6.16 -5.00
N ASP A 48 6.65 6.51 -6.02
CA ASP A 48 5.98 7.81 -6.06
C ASP A 48 5.16 8.03 -4.79
N CYS A 49 5.71 8.81 -3.87
CA CYS A 49 5.03 9.10 -2.61
C CYS A 49 4.40 10.48 -2.63
N SER A 50 3.08 10.52 -2.44
CA SER A 50 2.35 11.78 -2.44
C SER A 50 2.12 12.29 -1.02
N GLY A 51 1.62 11.40 -0.16
CA GLY A 51 1.37 11.77 1.22
C GLY A 51 -0.07 12.21 1.44
N GLU A 52 -0.96 11.25 1.64
CA GLU A 52 -2.37 11.55 1.86
C GLU A 52 -2.82 11.05 3.24
N GLY A 53 -3.38 11.96 4.03
CA GLY A 53 -3.84 11.59 5.36
C GLY A 53 -2.81 11.89 6.43
N HIS A 54 -2.46 13.15 6.57
CA HIS A 54 -1.47 13.57 7.58
C HIS A 54 -1.85 13.04 8.95
N PRO A 55 -0.96 12.23 9.54
CA PRO A 55 -1.18 11.64 10.86
C PRO A 55 -1.11 12.68 11.98
N THR A 56 -1.96 12.51 12.99
CA THR A 56 -1.99 13.44 14.12
C THR A 56 -1.91 12.69 15.45
N SER A 57 -0.82 12.90 16.17
CA SER A 57 -0.61 12.24 17.45
C SER A 57 -1.01 13.16 18.60
N SER A 58 -1.31 12.57 19.76
CA SER A 58 -1.71 13.33 20.93
C SER A 58 -2.57 14.53 20.53
N GLY A 59 -3.49 14.30 19.60
CA GLY A 59 -4.36 15.38 19.14
C GLY A 59 -5.74 15.29 19.75
N PRO A 60 -6.64 16.19 19.32
CA PRO A 60 -8.02 16.25 19.82
C PRO A 60 -8.85 15.05 19.34
N SER A 61 -8.23 14.20 18.53
CA SER A 61 -8.92 13.02 18.01
C SER A 61 -9.15 11.99 19.10
N SER A 62 -8.13 11.73 19.90
CA SER A 62 -8.22 10.76 20.98
C SER A 62 -7.49 11.26 22.23
N GLY A 63 -8.18 11.24 23.36
CA GLY A 63 -7.58 11.68 24.60
C GLY A 63 -6.27 10.98 24.90
ZN ZN B . 6.55 -3.15 -4.96
ZN ZN C . 4.73 6.57 0.50
N GLY A 1 -10.85 9.98 6.69
CA GLY A 1 -10.41 9.70 5.34
C GLY A 1 -11.37 8.80 4.59
N SER A 2 -11.42 7.53 5.00
CA SER A 2 -12.30 6.56 4.35
C SER A 2 -12.18 6.64 2.83
N SER A 3 -10.94 6.76 2.36
CA SER A 3 -10.68 6.85 0.93
C SER A 3 -10.21 5.51 0.38
N GLY A 4 -10.86 4.44 0.82
CA GLY A 4 -10.50 3.11 0.36
C GLY A 4 -9.55 2.40 1.32
N SER A 5 -10.00 2.20 2.55
CA SER A 5 -9.19 1.54 3.56
C SER A 5 -9.83 0.22 4.00
N SER A 6 -10.35 -0.52 3.04
CA SER A 6 -11.00 -1.80 3.32
C SER A 6 -10.32 -2.93 2.56
N GLY A 7 -10.14 -4.06 3.23
CA GLY A 7 -9.51 -5.21 2.59
C GLY A 7 -8.30 -5.70 3.36
N ARG A 8 -8.54 -6.51 4.38
CA ARG A 8 -7.47 -7.06 5.21
C ARG A 8 -7.51 -8.59 5.21
N LYS A 9 -6.39 -9.20 4.84
CA LYS A 9 -6.29 -10.65 4.80
C LYS A 9 -5.15 -11.14 5.67
N ILE A 10 -5.40 -12.19 6.44
CA ILE A 10 -4.38 -12.76 7.32
C ILE A 10 -3.41 -13.63 6.54
N PHE A 11 -2.99 -13.16 5.37
CA PHE A 11 -2.05 -13.90 4.53
C PHE A 11 -1.13 -12.96 3.79
N THR A 12 -0.26 -13.52 2.96
CA THR A 12 0.69 -12.73 2.18
C THR A 12 0.03 -11.48 1.60
N ASN A 13 0.71 -10.35 1.71
CA ASN A 13 0.19 -9.08 1.19
C ASN A 13 0.74 -8.79 -0.20
N LYS A 14 0.41 -7.61 -0.72
CA LYS A 14 0.88 -7.20 -2.04
C LYS A 14 1.34 -5.74 -2.02
N CYS A 15 2.03 -5.34 -3.09
CA CYS A 15 2.52 -3.97 -3.20
C CYS A 15 1.52 -3.08 -3.94
N GLU A 16 1.43 -1.83 -3.52
CA GLU A 16 0.50 -0.89 -4.13
C GLU A 16 1.22 -0.05 -5.20
N ARG A 17 2.29 -0.60 -5.75
CA ARG A 17 3.06 0.08 -6.79
C ARG A 17 2.71 -0.47 -8.17
N ALA A 18 2.39 0.44 -9.09
CA ALA A 18 2.03 0.06 -10.45
C ALA A 18 3.08 -0.88 -11.03
N GLY A 19 2.61 -1.91 -11.75
CA GLY A 19 3.52 -2.87 -12.35
C GLY A 19 4.08 -3.85 -11.34
N CYS A 20 4.47 -3.34 -10.18
CA CYS A 20 5.03 -4.18 -9.13
C CYS A 20 3.97 -5.12 -8.56
N ARG A 21 4.27 -6.42 -8.57
CA ARG A 21 3.35 -7.42 -8.06
C ARG A 21 4.00 -8.26 -6.97
N GLN A 22 4.89 -7.64 -6.19
CA GLN A 22 5.58 -8.33 -5.13
C GLN A 22 4.59 -8.87 -4.09
N ARG A 23 4.97 -9.95 -3.41
CA ARG A 23 4.12 -10.56 -2.40
C ARG A 23 4.87 -10.73 -1.09
N GLU A 24 4.98 -9.64 -0.32
CA GLU A 24 5.67 -9.68 0.96
C GLU A 24 4.85 -10.41 2.00
N MET A 25 5.51 -11.27 2.78
CA MET A 25 4.84 -12.03 3.82
C MET A 25 4.31 -11.11 4.91
N MET A 26 5.08 -10.09 5.25
CA MET A 26 4.69 -9.14 6.28
C MET A 26 4.08 -7.88 5.66
N LYS A 27 3.37 -7.11 6.46
CA LYS A 27 2.73 -5.88 5.99
C LYS A 27 3.70 -4.71 6.08
N LEU A 28 3.92 -4.05 4.95
CA LEU A 28 4.82 -2.90 4.90
C LEU A 28 4.10 -1.66 4.38
N THR A 29 3.55 -0.87 5.29
CA THR A 29 2.82 0.34 4.93
C THR A 29 3.70 1.57 5.12
N CYS A 30 3.65 2.48 4.14
CA CYS A 30 4.44 3.71 4.21
C CYS A 30 4.08 4.53 5.43
N GLU A 31 4.91 5.53 5.73
CA GLU A 31 4.68 6.39 6.89
C GLU A 31 4.13 7.75 6.45
N ARG A 32 4.25 8.04 5.17
CA ARG A 32 3.78 9.31 4.63
C ARG A 32 2.41 9.15 3.97
N CYS A 33 2.32 8.25 3.00
CA CYS A 33 1.07 8.00 2.30
C CYS A 33 0.25 6.93 3.02
N SER A 34 0.90 6.15 3.87
CA SER A 34 0.24 5.09 4.62
C SER A 34 -0.34 4.04 3.68
N ARG A 35 0.45 3.63 2.70
CA ARG A 35 0.01 2.63 1.73
C ARG A 35 0.94 1.42 1.75
N ASN A 36 0.39 0.26 1.42
CA ASN A 36 1.17 -0.98 1.39
C ASN A 36 2.16 -0.98 0.23
N PHE A 37 3.32 -1.58 0.45
CA PHE A 37 4.36 -1.65 -0.58
C PHE A 37 5.36 -2.75 -0.26
N CYS A 38 6.23 -3.05 -1.23
CA CYS A 38 7.24 -4.08 -1.05
C CYS A 38 8.56 -3.47 -0.58
N ILE A 39 9.34 -4.26 0.14
CA ILE A 39 10.63 -3.80 0.65
C ILE A 39 11.33 -2.89 -0.35
N LYS A 40 11.25 -3.26 -1.62
CA LYS A 40 11.87 -2.47 -2.69
C LYS A 40 11.21 -1.10 -2.81
N HIS A 41 9.89 -1.07 -2.71
CA HIS A 41 9.15 0.18 -2.80
C HIS A 41 8.60 0.58 -1.44
N ARG A 42 9.20 0.06 -0.38
CA ARG A 42 8.77 0.36 0.98
C ARG A 42 9.23 1.75 1.40
N HIS A 43 10.38 2.16 0.88
CA HIS A 43 10.93 3.48 1.20
C HIS A 43 10.30 4.56 0.33
N PRO A 44 10.05 5.73 0.92
CA PRO A 44 9.45 6.86 0.21
C PRO A 44 10.40 7.47 -0.82
N LEU A 45 11.56 6.83 -1.01
CA LEU A 45 12.55 7.32 -1.96
C LEU A 45 12.56 6.44 -3.21
N ASP A 46 12.17 5.19 -3.06
CA ASP A 46 12.14 4.25 -4.18
C ASP A 46 10.71 4.00 -4.63
N HIS A 47 9.83 4.98 -4.39
CA HIS A 47 8.44 4.86 -4.78
C HIS A 47 7.75 6.23 -4.78
N ASP A 48 7.03 6.52 -5.86
CA ASP A 48 6.32 7.79 -5.99
C ASP A 48 5.39 8.03 -4.81
N CYS A 49 5.94 8.63 -3.75
CA CYS A 49 5.15 8.91 -2.55
C CYS A 49 4.27 10.13 -2.75
N SER A 50 3.07 10.09 -2.17
CA SER A 50 2.13 11.19 -2.29
C SER A 50 1.93 11.90 -0.95
N GLY A 51 1.51 11.12 0.05
CA GLY A 51 1.29 11.69 1.38
C GLY A 51 0.06 12.58 1.43
N GLU A 52 -1.08 12.03 1.05
CA GLU A 52 -2.33 12.78 1.06
C GLU A 52 -2.63 13.33 2.45
N GLY A 53 -2.95 14.62 2.50
CA GLY A 53 -3.24 15.25 3.78
C GLY A 53 -3.85 16.63 3.61
N HIS A 54 -3.21 17.46 2.78
CA HIS A 54 -3.70 18.82 2.54
C HIS A 54 -4.92 18.80 1.62
N PRO A 55 -6.08 19.19 2.17
CA PRO A 55 -7.34 19.24 1.43
C PRO A 55 -7.34 20.34 0.37
N THR A 56 -7.43 19.94 -0.90
CA THR A 56 -7.44 20.89 -2.00
C THR A 56 -8.86 21.38 -2.28
N SER A 57 -9.21 22.53 -1.73
CA SER A 57 -10.54 23.11 -1.92
C SER A 57 -11.62 22.06 -1.67
N SER A 58 -11.42 21.25 -0.64
CA SER A 58 -12.38 20.21 -0.30
C SER A 58 -12.81 20.32 1.16
N GLY A 59 -14.08 20.04 1.42
CA GLY A 59 -14.60 20.11 2.77
C GLY A 59 -16.09 19.88 2.84
N PRO A 60 -16.51 18.61 2.67
CA PRO A 60 -17.92 18.23 2.70
C PRO A 60 -18.52 18.32 4.10
N SER A 61 -19.83 18.54 4.17
CA SER A 61 -20.52 18.66 5.45
C SER A 61 -20.86 17.28 6.01
N SER A 62 -19.89 16.66 6.66
CA SER A 62 -20.08 15.33 7.24
C SER A 62 -20.27 15.43 8.75
N GLY A 63 -21.02 14.48 9.30
CA GLY A 63 -21.27 14.46 10.74
C GLY A 63 -20.00 14.32 11.54
ZN ZN B . 6.69 -2.78 -5.00
ZN ZN C . 4.77 6.77 0.61
N GLY A 1 -20.35 -29.87 -3.38
CA GLY A 1 -20.49 -28.43 -3.43
C GLY A 1 -19.33 -27.76 -4.14
N SER A 2 -18.74 -26.77 -3.49
CA SER A 2 -17.62 -26.03 -4.06
C SER A 2 -16.31 -26.40 -3.36
N SER A 3 -15.45 -27.13 -4.06
CA SER A 3 -14.17 -27.54 -3.50
C SER A 3 -13.10 -26.49 -3.76
N GLY A 4 -12.50 -26.00 -2.67
CA GLY A 4 -11.46 -24.98 -2.80
C GLY A 4 -11.04 -24.42 -1.45
N SER A 5 -10.45 -23.23 -1.48
CA SER A 5 -10.00 -22.58 -0.25
C SER A 5 -8.83 -23.35 0.36
N SER A 6 -7.90 -23.79 -0.48
CA SER A 6 -6.73 -24.54 -0.02
C SER A 6 -5.60 -24.46 -1.03
N GLY A 7 -4.39 -24.76 -0.57
CA GLY A 7 -3.23 -24.71 -1.44
C GLY A 7 -2.63 -23.33 -1.52
N ARG A 8 -3.31 -22.42 -2.21
CA ARG A 8 -2.83 -21.04 -2.37
C ARG A 8 -3.35 -20.16 -1.23
N LYS A 9 -2.76 -20.30 -0.05
CA LYS A 9 -3.16 -19.52 1.10
C LYS A 9 -2.87 -18.04 0.88
N ILE A 10 -3.71 -17.18 1.45
CA ILE A 10 -3.55 -15.74 1.32
C ILE A 10 -2.94 -15.13 2.57
N PHE A 11 -1.97 -15.84 3.14
CA PHE A 11 -1.30 -15.37 4.36
C PHE A 11 -0.18 -14.39 4.01
N THR A 12 -0.42 -13.56 3.00
CA THR A 12 0.56 -12.58 2.58
C THR A 12 -0.12 -11.34 2.00
N ASN A 13 0.67 -10.29 1.75
CA ASN A 13 0.15 -9.06 1.19
C ASN A 13 0.83 -8.72 -0.14
N LYS A 14 0.28 -7.74 -0.85
CA LYS A 14 0.84 -7.33 -2.12
C LYS A 14 1.27 -5.87 -2.08
N CYS A 15 2.00 -5.45 -3.11
CA CYS A 15 2.49 -4.07 -3.20
C CYS A 15 1.49 -3.19 -3.94
N GLU A 16 1.27 -1.99 -3.40
CA GLU A 16 0.34 -1.04 -4.02
C GLU A 16 0.92 -0.45 -5.29
N ARG A 17 2.24 -0.59 -5.45
CA ARG A 17 2.93 -0.07 -6.62
C ARG A 17 2.37 -0.68 -7.90
N ALA A 18 1.70 0.13 -8.71
CA ALA A 18 1.12 -0.34 -9.96
C ALA A 18 2.13 -1.17 -10.74
N GLY A 19 3.36 -0.69 -10.83
CA GLY A 19 4.40 -1.42 -11.56
C GLY A 19 5.11 -2.42 -10.68
N CYS A 20 4.38 -3.06 -9.79
CA CYS A 20 4.97 -4.05 -8.89
C CYS A 20 4.01 -5.23 -8.68
N ARG A 21 4.59 -6.42 -8.52
CA ARG A 21 3.79 -7.62 -8.31
C ARG A 21 4.34 -8.45 -7.15
N GLN A 22 4.97 -7.78 -6.20
CA GLN A 22 5.55 -8.46 -5.04
C GLN A 22 4.46 -8.98 -4.11
N ARG A 23 4.83 -9.92 -3.25
CA ARG A 23 3.88 -10.50 -2.31
C ARG A 23 4.48 -10.60 -0.92
N GLU A 24 5.10 -9.51 -0.47
CA GLU A 24 5.72 -9.47 0.85
C GLU A 24 4.86 -10.22 1.87
N MET A 25 5.44 -11.25 2.49
CA MET A 25 4.74 -12.03 3.49
C MET A 25 4.27 -11.17 4.65
N MET A 26 5.04 -10.12 4.94
CA MET A 26 4.72 -9.20 6.02
C MET A 26 4.17 -7.90 5.49
N LYS A 27 3.31 -7.24 6.27
CA LYS A 27 2.70 -5.98 5.87
C LYS A 27 3.68 -4.82 6.09
N LEU A 28 3.96 -4.08 5.02
CA LEU A 28 4.86 -2.94 5.08
C LEU A 28 4.18 -1.66 4.60
N THR A 29 3.54 -0.96 5.52
CA THR A 29 2.84 0.28 5.19
C THR A 29 3.80 1.47 5.25
N CYS A 30 3.53 2.46 4.41
CA CYS A 30 4.36 3.66 4.35
C CYS A 30 4.11 4.55 5.57
N GLU A 31 4.94 5.57 5.73
CA GLU A 31 4.81 6.50 6.84
C GLU A 31 4.31 7.87 6.37
N ARG A 32 4.47 8.12 5.08
CA ARG A 32 4.04 9.39 4.50
C ARG A 32 2.64 9.27 3.91
N CYS A 33 2.46 8.32 2.98
CA CYS A 33 1.18 8.10 2.34
C CYS A 33 0.36 7.06 3.10
N SER A 34 1.04 6.25 3.90
CA SER A 34 0.39 5.20 4.68
C SER A 34 -0.21 4.14 3.77
N ARG A 35 0.57 3.70 2.79
CA ARG A 35 0.11 2.68 1.84
C ARG A 35 0.98 1.42 1.93
N ASN A 36 0.43 0.31 1.47
CA ASN A 36 1.15 -0.97 1.49
C ASN A 36 2.16 -1.05 0.34
N PHE A 37 3.33 -1.59 0.63
CA PHE A 37 4.37 -1.72 -0.38
C PHE A 37 5.35 -2.84 -0.01
N CYS A 38 6.20 -3.22 -0.96
CA CYS A 38 7.18 -4.27 -0.73
C CYS A 38 8.49 -3.68 -0.21
N ILE A 39 9.48 -4.55 -0.01
CA ILE A 39 10.78 -4.12 0.48
C ILE A 39 11.49 -3.22 -0.53
N LYS A 40 11.16 -3.41 -1.80
CA LYS A 40 11.76 -2.62 -2.86
C LYS A 40 11.13 -1.23 -2.93
N HIS A 41 9.82 -1.17 -2.68
CA HIS A 41 9.10 0.10 -2.71
C HIS A 41 8.58 0.46 -1.31
N ARG A 42 9.19 -0.13 -0.29
CA ARG A 42 8.80 0.12 1.09
C ARG A 42 9.11 1.56 1.49
N HIS A 43 10.19 2.10 0.94
CA HIS A 43 10.60 3.47 1.25
C HIS A 43 10.03 4.44 0.21
N PRO A 44 9.63 5.64 0.68
CA PRO A 44 9.06 6.67 -0.18
C PRO A 44 10.11 7.27 -1.12
N LEU A 45 11.36 6.86 -0.96
CA LEU A 45 12.45 7.35 -1.80
C LEU A 45 12.51 6.59 -3.12
N ASP A 46 12.18 5.31 -3.08
CA ASP A 46 12.20 4.47 -4.27
C ASP A 46 10.84 4.50 -4.98
N HIS A 47 9.81 4.90 -4.24
CA HIS A 47 8.46 4.97 -4.79
C HIS A 47 7.87 6.37 -4.60
N ASP A 48 7.61 7.04 -5.72
CA ASP A 48 7.04 8.39 -5.68
C ASP A 48 5.90 8.47 -4.68
N CYS A 49 6.20 8.99 -3.49
CA CYS A 49 5.20 9.12 -2.44
C CYS A 49 4.49 10.47 -2.54
N SER A 50 3.18 10.42 -2.80
CA SER A 50 2.39 11.63 -2.91
C SER A 50 2.01 12.18 -1.54
N GLY A 51 1.67 11.29 -0.62
CA GLY A 51 1.32 11.70 0.73
C GLY A 51 -0.20 11.75 0.93
N GLU A 52 -0.65 11.25 2.07
CA GLU A 52 -2.08 11.24 2.38
C GLU A 52 -2.47 12.49 3.17
N GLY A 53 -1.89 12.63 4.36
CA GLY A 53 -2.20 13.78 5.19
C GLY A 53 -1.67 13.63 6.60
N HIS A 54 -2.14 14.48 7.51
CA HIS A 54 -1.70 14.43 8.89
C HIS A 54 -2.70 13.68 9.76
N PRO A 55 -2.21 13.09 10.86
CA PRO A 55 -3.04 12.32 11.79
C PRO A 55 -4.00 13.21 12.58
N THR A 56 -5.25 12.80 12.65
CA THR A 56 -6.27 13.56 13.38
C THR A 56 -6.67 12.84 14.66
N SER A 57 -6.96 13.62 15.71
CA SER A 57 -7.36 13.06 16.99
C SER A 57 -8.84 13.33 17.26
N SER A 58 -9.66 13.15 16.23
CA SER A 58 -11.10 13.37 16.35
C SER A 58 -11.84 12.04 16.33
N GLY A 59 -11.98 11.42 17.49
CA GLY A 59 -12.68 10.15 17.58
C GLY A 59 -11.78 8.97 17.24
N PRO A 60 -11.10 8.42 18.24
CA PRO A 60 -10.19 7.27 18.06
C PRO A 60 -10.96 5.99 17.74
N SER A 61 -10.37 5.16 16.88
CA SER A 61 -10.98 3.89 16.50
C SER A 61 -9.93 2.88 16.09
N SER A 62 -10.37 1.64 15.89
CA SER A 62 -9.45 0.56 15.50
C SER A 62 -10.01 -0.20 14.30
N GLY A 63 -11.22 -0.72 14.44
CA GLY A 63 -11.84 -1.46 13.35
C GLY A 63 -12.47 -2.76 13.83
ZN ZN B . 6.79 -2.92 -4.71
ZN ZN C . 4.65 6.42 0.54
N GLY A 1 -27.37 -18.80 1.32
CA GLY A 1 -26.58 -19.62 0.42
C GLY A 1 -25.16 -19.81 0.90
N SER A 2 -24.36 -20.54 0.12
CA SER A 2 -22.97 -20.80 0.48
C SER A 2 -22.13 -21.05 -0.77
N SER A 3 -21.27 -20.10 -1.10
CA SER A 3 -20.41 -20.23 -2.28
C SER A 3 -19.07 -19.53 -2.03
N GLY A 4 -18.00 -20.14 -2.55
CA GLY A 4 -16.68 -19.57 -2.38
C GLY A 4 -15.58 -20.60 -2.55
N SER A 5 -14.42 -20.32 -1.94
CA SER A 5 -13.28 -21.23 -2.02
C SER A 5 -12.37 -21.05 -0.82
N SER A 6 -11.58 -22.08 -0.51
CA SER A 6 -10.66 -22.04 0.61
C SER A 6 -9.21 -22.11 0.13
N GLY A 7 -8.28 -21.81 1.02
CA GLY A 7 -6.87 -21.84 0.67
C GLY A 7 -6.29 -20.45 0.45
N ARG A 8 -6.65 -19.53 1.34
CA ARG A 8 -6.17 -18.15 1.23
C ARG A 8 -5.67 -17.66 2.59
N LYS A 9 -4.41 -17.22 2.62
CA LYS A 9 -3.81 -16.71 3.85
C LYS A 9 -3.56 -15.21 3.76
N ILE A 10 -4.03 -14.49 4.78
CA ILE A 10 -3.86 -13.03 4.81
C ILE A 10 -2.50 -12.66 5.41
N PHE A 11 -1.48 -13.43 5.07
CA PHE A 11 -0.13 -13.17 5.56
C PHE A 11 0.65 -12.27 4.60
N THR A 12 0.55 -12.58 3.31
CA THR A 12 1.23 -11.81 2.29
C THR A 12 0.44 -10.57 1.90
N ASN A 13 1.09 -9.41 1.94
CA ASN A 13 0.44 -8.16 1.59
C ASN A 13 0.58 -7.86 0.11
N LYS A 14 -0.18 -6.88 -0.38
CA LYS A 14 -0.15 -6.50 -1.78
C LYS A 14 0.48 -5.12 -1.97
N CYS A 15 1.53 -5.06 -2.76
CA CYS A 15 2.22 -3.80 -3.01
C CYS A 15 1.36 -2.87 -3.86
N GLU A 16 1.29 -1.61 -3.46
CA GLU A 16 0.49 -0.61 -4.19
C GLU A 16 1.35 0.14 -5.19
N ARG A 17 2.38 -0.53 -5.70
CA ARG A 17 3.28 0.08 -6.68
C ARG A 17 2.84 -0.24 -8.11
N ALA A 18 3.09 0.69 -9.02
CA ALA A 18 2.72 0.51 -10.42
C ALA A 18 3.49 -0.65 -11.05
N GLY A 19 2.78 -1.51 -11.78
CA GLY A 19 3.42 -2.64 -12.42
C GLY A 19 4.27 -3.44 -11.45
N CYS A 20 3.73 -3.69 -10.26
CA CYS A 20 4.45 -4.44 -9.24
C CYS A 20 3.53 -5.49 -8.60
N ARG A 21 3.97 -6.75 -8.64
CA ARG A 21 3.19 -7.83 -8.07
C ARG A 21 3.97 -8.56 -6.98
N GLN A 22 4.71 -7.78 -6.19
CA GLN A 22 5.51 -8.33 -5.11
C GLN A 22 4.66 -8.60 -3.87
N ARG A 23 4.59 -9.86 -3.46
CA ARG A 23 3.80 -10.24 -2.29
C ARG A 23 4.69 -10.45 -1.07
N GLU A 24 5.01 -9.36 -0.37
CA GLU A 24 5.86 -9.43 0.81
C GLU A 24 5.24 -10.33 1.86
N MET A 25 6.09 -11.11 2.54
CA MET A 25 5.63 -12.02 3.58
C MET A 25 4.98 -11.25 4.73
N MET A 26 5.57 -10.12 5.08
CA MET A 26 5.05 -9.29 6.16
C MET A 26 4.48 -7.98 5.62
N LYS A 27 3.33 -7.57 6.15
CA LYS A 27 2.69 -6.34 5.72
C LYS A 27 3.57 -5.13 5.99
N LEU A 28 3.67 -4.25 5.01
CA LEU A 28 4.50 -3.04 5.14
C LEU A 28 3.74 -1.82 4.65
N THR A 29 3.48 -0.88 5.56
CA THR A 29 2.78 0.35 5.21
C THR A 29 3.68 1.57 5.37
N CYS A 30 3.50 2.55 4.49
CA CYS A 30 4.29 3.76 4.52
C CYS A 30 3.91 4.63 5.71
N GLU A 31 4.74 5.61 6.02
CA GLU A 31 4.48 6.52 7.14
C GLU A 31 4.03 7.88 6.64
N ARG A 32 4.25 8.15 5.36
CA ARG A 32 3.86 9.42 4.75
C ARG A 32 2.49 9.30 4.10
N CYS A 33 2.36 8.38 3.14
CA CYS A 33 1.10 8.17 2.44
C CYS A 33 0.24 7.15 3.16
N SER A 34 0.87 6.30 3.95
CA SER A 34 0.16 5.26 4.69
C SER A 34 -0.41 4.20 3.74
N ARG A 35 0.42 3.75 2.80
CA ARG A 35 -0.01 2.75 1.84
C ARG A 35 0.88 1.50 1.92
N ASN A 36 0.38 0.39 1.39
CA ASN A 36 1.12 -0.86 1.40
C ASN A 36 2.11 -0.92 0.25
N PHE A 37 3.28 -1.52 0.52
CA PHE A 37 4.32 -1.64 -0.50
C PHE A 37 5.29 -2.75 -0.13
N CYS A 38 6.10 -3.16 -1.10
CA CYS A 38 7.08 -4.21 -0.89
C CYS A 38 8.43 -3.63 -0.43
N ILE A 39 9.16 -4.39 0.37
CA ILE A 39 10.45 -3.94 0.88
C ILE A 39 11.21 -3.15 -0.18
N LYS A 40 11.12 -3.61 -1.43
CA LYS A 40 11.79 -2.94 -2.53
C LYS A 40 11.24 -1.53 -2.74
N HIS A 41 9.92 -1.39 -2.66
CA HIS A 41 9.28 -0.10 -2.83
C HIS A 41 8.70 0.40 -1.51
N ARG A 42 9.22 -0.13 -0.40
CA ARG A 42 8.76 0.26 0.92
C ARG A 42 9.21 1.68 1.26
N HIS A 43 10.39 2.05 0.75
CA HIS A 43 10.94 3.38 1.00
C HIS A 43 10.05 4.45 0.36
N PRO A 44 9.89 5.57 1.09
CA PRO A 44 9.07 6.70 0.63
C PRO A 44 9.70 7.44 -0.55
N LEU A 45 10.75 6.85 -1.11
CA LEU A 45 11.45 7.45 -2.24
C LEU A 45 11.43 6.52 -3.45
N ASP A 46 11.48 5.21 -3.18
CA ASP A 46 11.47 4.22 -4.24
C ASP A 46 10.14 4.21 -4.97
N HIS A 47 9.05 4.35 -4.21
CA HIS A 47 7.71 4.37 -4.78
C HIS A 47 7.21 5.80 -4.96
N ASP A 48 8.13 6.72 -5.27
CA ASP A 48 7.79 8.12 -5.47
C ASP A 48 6.65 8.53 -4.53
N CYS A 49 6.83 8.27 -3.24
CA CYS A 49 5.83 8.62 -2.24
C CYS A 49 5.09 9.90 -2.64
N SER A 50 3.77 9.87 -2.50
CA SER A 50 2.94 11.02 -2.85
C SER A 50 2.00 11.37 -1.71
N GLY A 51 2.46 11.17 -0.48
CA GLY A 51 1.65 11.48 0.68
C GLY A 51 1.69 12.95 1.05
N GLU A 52 2.90 13.47 1.29
CA GLU A 52 3.07 14.87 1.64
C GLU A 52 1.88 15.37 2.46
N GLY A 53 1.46 14.58 3.44
CA GLY A 53 0.34 14.96 4.27
C GLY A 53 -0.09 13.84 5.20
N HIS A 54 -0.75 14.21 6.30
CA HIS A 54 -1.22 13.23 7.27
C HIS A 54 -2.73 13.03 7.15
N PRO A 55 -3.19 11.84 7.57
CA PRO A 55 -4.62 11.49 7.51
C PRO A 55 -5.45 12.27 8.51
N THR A 56 -6.21 13.24 8.02
CA THR A 56 -7.05 14.06 8.88
C THR A 56 -8.52 13.67 8.75
N SER A 57 -9.29 13.95 9.79
CA SER A 57 -10.72 13.63 9.80
C SER A 57 -11.56 14.88 9.57
N SER A 58 -11.08 15.76 8.68
CA SER A 58 -11.79 17.00 8.38
C SER A 58 -11.96 17.18 6.88
N GLY A 59 -13.19 17.08 6.40
CA GLY A 59 -13.46 17.23 4.99
C GLY A 59 -14.93 17.45 4.70
N PRO A 60 -15.30 18.71 4.39
CA PRO A 60 -16.68 19.07 4.09
C PRO A 60 -17.15 18.52 2.75
N SER A 61 -16.26 18.52 1.76
CA SER A 61 -16.58 18.02 0.43
C SER A 61 -17.99 18.45 0.02
N SER A 62 -18.32 19.72 0.28
CA SER A 62 -19.63 20.25 -0.07
C SER A 62 -19.56 21.76 -0.27
N GLY A 63 -19.89 22.21 -1.47
CA GLY A 63 -19.87 23.63 -1.77
C GLY A 63 -20.79 24.42 -0.87
ZN ZN B . 6.50 -3.23 -5.06
ZN ZN C . 4.72 6.69 0.85
N GLY A 1 -10.28 -21.43 -17.80
CA GLY A 1 -9.39 -20.81 -16.84
C GLY A 1 -8.06 -21.53 -16.73
N SER A 2 -7.45 -21.46 -15.55
CA SER A 2 -6.16 -22.11 -15.32
C SER A 2 -6.28 -23.18 -14.24
N SER A 3 -5.44 -24.21 -14.34
CA SER A 3 -5.45 -25.29 -13.37
C SER A 3 -4.33 -25.13 -12.35
N GLY A 4 -4.53 -25.65 -11.15
CA GLY A 4 -3.52 -25.55 -10.11
C GLY A 4 -3.21 -24.12 -9.75
N SER A 5 -3.82 -23.63 -8.67
CA SER A 5 -3.61 -22.26 -8.22
C SER A 5 -2.15 -22.04 -7.83
N SER A 6 -1.50 -21.08 -8.50
CA SER A 6 -0.10 -20.77 -8.22
C SER A 6 0.15 -20.69 -6.72
N GLY A 7 -0.64 -19.87 -6.04
CA GLY A 7 -0.48 -19.71 -4.61
C GLY A 7 -1.41 -20.61 -3.82
N ARG A 8 -1.24 -20.63 -2.50
CA ARG A 8 -2.06 -21.46 -1.64
C ARG A 8 -2.93 -20.61 -0.72
N LYS A 9 -2.27 -19.80 0.12
CA LYS A 9 -2.97 -18.92 1.04
C LYS A 9 -3.04 -17.50 0.50
N ILE A 10 -4.11 -16.79 0.85
CA ILE A 10 -4.29 -15.41 0.40
C ILE A 10 -4.00 -14.42 1.52
N PHE A 11 -2.98 -14.73 2.33
CA PHE A 11 -2.60 -13.87 3.43
C PHE A 11 -1.56 -12.84 3.00
N THR A 12 -0.56 -13.30 2.24
CA THR A 12 0.50 -12.43 1.76
C THR A 12 -0.08 -11.18 1.09
N ASN A 13 0.26 -10.02 1.66
CA ASN A 13 -0.23 -8.75 1.12
C ASN A 13 0.35 -8.49 -0.26
N LYS A 14 -0.19 -7.48 -0.94
CA LYS A 14 0.27 -7.13 -2.27
C LYS A 14 0.79 -5.69 -2.30
N CYS A 15 1.81 -5.45 -3.12
CA CYS A 15 2.40 -4.13 -3.25
C CYS A 15 1.47 -3.19 -4.00
N GLU A 16 1.29 -1.98 -3.45
CA GLU A 16 0.42 -0.99 -4.08
C GLU A 16 1.22 -0.07 -4.99
N ARG A 17 2.34 -0.58 -5.50
CA ARG A 17 3.19 0.20 -6.39
C ARG A 17 2.88 -0.11 -7.85
N ALA A 18 3.01 0.90 -8.71
CA ALA A 18 2.75 0.73 -10.12
C ALA A 18 3.72 -0.27 -10.76
N GLY A 19 3.19 -1.15 -11.61
CA GLY A 19 4.02 -2.14 -12.25
C GLY A 19 4.77 -3.02 -11.27
N CYS A 20 4.09 -3.39 -10.19
CA CYS A 20 4.71 -4.22 -9.15
C CYS A 20 3.73 -5.27 -8.65
N ARG A 21 4.15 -6.53 -8.68
CA ARG A 21 3.29 -7.63 -8.23
C ARG A 21 4.03 -8.48 -7.18
N GLN A 22 4.79 -7.82 -6.32
CA GLN A 22 5.53 -8.51 -5.28
C GLN A 22 4.61 -8.85 -4.10
N ARG A 23 4.88 -9.99 -3.46
CA ARG A 23 4.09 -10.43 -2.33
C ARG A 23 4.97 -10.60 -1.08
N GLU A 24 4.88 -9.63 -0.17
CA GLU A 24 5.67 -9.68 1.05
C GLU A 24 4.93 -10.45 2.15
N MET A 25 5.66 -11.27 2.89
CA MET A 25 5.08 -12.06 3.96
C MET A 25 4.46 -11.16 5.02
N MET A 26 5.15 -10.08 5.35
CA MET A 26 4.67 -9.14 6.35
C MET A 26 3.98 -7.95 5.69
N LYS A 27 3.37 -7.09 6.52
CA LYS A 27 2.67 -5.92 6.01
C LYS A 27 3.52 -4.66 6.20
N LEU A 28 3.91 -4.04 5.10
CA LEU A 28 4.72 -2.83 5.14
C LEU A 28 3.92 -1.62 4.65
N THR A 29 3.55 -0.76 5.59
CA THR A 29 2.78 0.44 5.26
C THR A 29 3.63 1.70 5.39
N CYS A 30 3.62 2.52 4.34
CA CYS A 30 4.40 3.76 4.34
C CYS A 30 4.04 4.63 5.54
N GLU A 31 4.86 5.64 5.80
CA GLU A 31 4.63 6.55 6.92
C GLU A 31 4.08 7.88 6.44
N ARG A 32 4.24 8.15 5.14
CA ARG A 32 3.76 9.40 4.55
C ARG A 32 2.41 9.19 3.88
N CYS A 33 2.34 8.24 2.95
CA CYS A 33 1.11 7.96 2.23
C CYS A 33 0.29 6.91 2.98
N SER A 34 0.95 6.13 3.82
CA SER A 34 0.28 5.09 4.60
C SER A 34 -0.32 4.03 3.68
N ARG A 35 0.50 3.52 2.76
CA ARG A 35 0.05 2.51 1.82
C ARG A 35 0.94 1.27 1.88
N ASN A 36 0.41 0.13 1.45
CA ASN A 36 1.16 -1.11 1.46
C ASN A 36 2.18 -1.15 0.31
N PHE A 37 3.35 -1.72 0.59
CA PHE A 37 4.40 -1.80 -0.41
C PHE A 37 5.41 -2.89 -0.04
N CYS A 38 6.23 -3.28 -1.01
CA CYS A 38 7.24 -4.31 -0.79
C CYS A 38 8.55 -3.70 -0.30
N ILE A 39 9.53 -4.56 -0.03
CA ILE A 39 10.83 -4.09 0.44
C ILE A 39 11.52 -3.21 -0.60
N LYS A 40 11.22 -3.46 -1.88
CA LYS A 40 11.80 -2.69 -2.97
C LYS A 40 11.13 -1.33 -3.09
N HIS A 41 9.84 -1.27 -2.78
CA HIS A 41 9.09 -0.02 -2.84
C HIS A 41 8.64 0.41 -1.45
N ARG A 42 9.27 -0.15 -0.43
CA ARG A 42 8.93 0.18 0.95
C ARG A 42 9.37 1.60 1.30
N HIS A 43 10.48 2.03 0.70
CA HIS A 43 11.01 3.36 0.95
C HIS A 43 10.30 4.40 0.10
N PRO A 44 10.05 5.59 0.68
CA PRO A 44 9.36 6.68 -0.01
C PRO A 44 10.22 7.30 -1.11
N LEU A 45 11.37 6.67 -1.38
CA LEU A 45 12.28 7.17 -2.41
C LEU A 45 12.23 6.27 -3.64
N ASP A 46 11.86 5.01 -3.44
CA ASP A 46 11.77 4.06 -4.53
C ASP A 46 10.31 3.81 -4.93
N HIS A 47 9.47 4.81 -4.72
CA HIS A 47 8.05 4.72 -5.05
C HIS A 47 7.37 6.08 -4.95
N ASP A 48 6.58 6.41 -5.97
CA ASP A 48 5.88 7.69 -6.00
C ASP A 48 5.05 7.88 -4.73
N CYS A 49 5.55 8.73 -3.84
CA CYS A 49 4.88 9.01 -2.58
C CYS A 49 4.18 10.37 -2.62
N SER A 50 2.85 10.34 -2.63
CA SER A 50 2.07 11.58 -2.68
C SER A 50 1.91 12.18 -1.28
N GLY A 51 1.63 11.32 -0.30
CA GLY A 51 1.46 11.78 1.06
C GLY A 51 0.34 12.79 1.19
N GLU A 52 -0.86 12.40 0.77
CA GLU A 52 -2.02 13.27 0.84
C GLU A 52 -2.08 13.99 2.19
N GLY A 53 -2.19 13.22 3.26
CA GLY A 53 -2.26 13.79 4.59
C GLY A 53 -3.61 14.42 4.89
N HIS A 54 -3.61 15.47 5.70
CA HIS A 54 -4.84 16.16 6.07
C HIS A 54 -5.73 16.36 4.84
N PRO A 55 -7.05 16.46 5.08
CA PRO A 55 -8.04 16.66 4.01
C PRO A 55 -7.94 18.05 3.40
N THR A 56 -7.45 18.13 2.16
CA THR A 56 -7.32 19.40 1.47
C THR A 56 -8.34 19.52 0.34
N SER A 57 -9.11 20.59 0.36
CA SER A 57 -10.13 20.83 -0.67
C SER A 57 -9.77 22.03 -1.52
N SER A 58 -8.96 21.80 -2.56
CA SER A 58 -8.54 22.86 -3.46
C SER A 58 -9.72 23.73 -3.86
N GLY A 59 -9.46 25.03 -4.01
CA GLY A 59 -10.52 25.96 -4.39
C GLY A 59 -11.12 25.63 -5.74
N PRO A 60 -11.92 26.55 -6.27
CA PRO A 60 -12.59 26.38 -7.57
C PRO A 60 -11.60 26.41 -8.74
N SER A 61 -10.39 26.90 -8.47
CA SER A 61 -9.36 26.99 -9.50
C SER A 61 -8.20 26.05 -9.19
N SER A 62 -8.37 24.77 -9.55
CA SER A 62 -7.35 23.77 -9.31
C SER A 62 -6.57 23.47 -10.59
N GLY A 63 -6.23 24.53 -11.33
CA GLY A 63 -5.49 24.36 -12.56
C GLY A 63 -6.33 23.75 -13.67
ZN ZN B . 6.78 -3.17 -4.86
ZN ZN C . 4.81 6.58 0.54
N GLY A 1 -13.29 -30.51 -0.71
CA GLY A 1 -13.47 -30.62 0.74
C GLY A 1 -12.76 -29.51 1.49
N SER A 2 -12.31 -29.81 2.70
CA SER A 2 -11.61 -28.83 3.53
C SER A 2 -11.03 -29.49 4.77
N SER A 3 -9.71 -29.43 4.91
CA SER A 3 -9.03 -30.03 6.06
C SER A 3 -8.16 -29.00 6.76
N GLY A 4 -8.62 -28.52 7.92
CA GLY A 4 -7.87 -27.54 8.66
C GLY A 4 -7.72 -26.23 7.93
N SER A 5 -6.63 -26.09 7.18
CA SER A 5 -6.37 -24.87 6.43
C SER A 5 -7.27 -24.79 5.20
N SER A 6 -7.93 -23.65 5.03
CA SER A 6 -8.83 -23.44 3.89
C SER A 6 -9.21 -21.98 3.75
N GLY A 7 -8.87 -21.39 2.60
CA GLY A 7 -9.18 -20.00 2.37
C GLY A 7 -7.95 -19.19 1.97
N ARG A 8 -7.97 -17.89 2.27
CA ARG A 8 -6.86 -17.02 1.94
C ARG A 8 -6.01 -16.71 3.18
N LYS A 9 -4.86 -16.08 2.97
CA LYS A 9 -3.97 -15.74 4.07
C LYS A 9 -3.69 -14.24 4.07
N ILE A 10 -4.53 -13.48 4.76
CA ILE A 10 -4.36 -12.03 4.85
C ILE A 10 -2.89 -11.66 5.02
N PHE A 11 -2.19 -12.40 5.87
CA PHE A 11 -0.78 -12.16 6.12
C PHE A 11 -0.08 -11.63 4.86
N THR A 12 -0.16 -12.41 3.79
CA THR A 12 0.46 -12.02 2.52
C THR A 12 -0.13 -10.73 1.99
N ASN A 13 0.57 -9.62 2.23
CA ASN A 13 0.11 -8.31 1.78
C ASN A 13 0.36 -8.14 0.29
N LYS A 14 -0.37 -7.21 -0.33
CA LYS A 14 -0.22 -6.94 -1.74
C LYS A 14 0.31 -5.53 -1.99
N CYS A 15 1.50 -5.45 -2.57
CA CYS A 15 2.12 -4.16 -2.85
C CYS A 15 1.18 -3.26 -3.64
N GLU A 16 1.09 -2.00 -3.22
CA GLU A 16 0.20 -1.03 -3.88
C GLU A 16 1.01 -0.11 -4.79
N ARG A 17 2.08 -0.65 -5.38
CA ARG A 17 2.93 0.12 -6.28
C ARG A 17 2.60 -0.20 -7.73
N ALA A 18 1.86 0.69 -8.39
CA ALA A 18 1.49 0.51 -9.79
C ALA A 18 2.60 -0.22 -10.55
N GLY A 19 2.21 -1.24 -11.32
CA GLY A 19 3.17 -2.00 -12.09
C GLY A 19 4.08 -2.84 -11.21
N CYS A 20 3.54 -3.33 -10.10
CA CYS A 20 4.31 -4.15 -9.17
C CYS A 20 3.49 -5.35 -8.72
N ARG A 21 4.03 -6.55 -8.95
CA ARG A 21 3.35 -7.78 -8.57
C ARG A 21 4.14 -8.52 -7.49
N GLN A 22 4.67 -7.78 -6.54
CA GLN A 22 5.44 -8.36 -5.44
C GLN A 22 4.55 -8.71 -4.26
N ARG A 23 5.02 -9.64 -3.43
CA ARG A 23 4.26 -10.07 -2.26
C ARG A 23 5.17 -10.25 -1.06
N GLU A 24 5.00 -9.40 -0.05
CA GLU A 24 5.80 -9.47 1.16
C GLU A 24 5.03 -10.14 2.30
N MET A 25 5.52 -11.28 2.74
CA MET A 25 4.88 -12.02 3.83
C MET A 25 4.51 -11.08 4.98
N MET A 26 5.36 -10.11 5.24
CA MET A 26 5.12 -9.15 6.30
C MET A 26 4.37 -7.92 5.78
N LYS A 27 3.71 -7.20 6.68
CA LYS A 27 2.97 -6.01 6.30
C LYS A 27 3.88 -4.78 6.30
N LEU A 28 4.00 -4.14 5.13
CA LEU A 28 4.83 -2.96 4.99
C LEU A 28 4.00 -1.76 4.53
N THR A 29 3.65 -0.90 5.49
CA THR A 29 2.85 0.29 5.19
C THR A 29 3.70 1.55 5.30
N CYS A 30 3.64 2.38 4.26
CA CYS A 30 4.41 3.63 4.23
C CYS A 30 4.07 4.49 5.43
N GLU A 31 4.90 5.50 5.67
CA GLU A 31 4.69 6.41 6.79
C GLU A 31 4.08 7.73 6.33
N ARG A 32 4.12 7.95 5.02
CA ARG A 32 3.57 9.18 4.44
C ARG A 32 2.17 8.94 3.88
N CYS A 33 2.08 8.01 2.93
CA CYS A 33 0.80 7.68 2.30
C CYS A 33 0.07 6.60 3.09
N SER A 34 0.81 5.90 3.95
CA SER A 34 0.23 4.84 4.76
C SER A 34 -0.39 3.75 3.88
N ARG A 35 0.35 3.36 2.85
CA ARG A 35 -0.12 2.32 1.93
C ARG A 35 0.82 1.13 1.93
N ASN A 36 0.30 -0.04 1.56
CA ASN A 36 1.08 -1.26 1.52
C ASN A 36 2.05 -1.25 0.34
N PHE A 37 3.23 -1.82 0.54
CA PHE A 37 4.25 -1.88 -0.51
C PHE A 37 5.28 -2.95 -0.21
N CYS A 38 6.16 -3.21 -1.19
CA CYS A 38 7.19 -4.23 -1.03
C CYS A 38 8.51 -3.59 -0.59
N ILE A 39 9.35 -4.38 0.08
CA ILE A 39 10.63 -3.90 0.55
C ILE A 39 11.26 -2.93 -0.45
N LYS A 40 11.18 -3.27 -1.73
CA LYS A 40 11.73 -2.42 -2.78
C LYS A 40 10.99 -1.09 -2.87
N HIS A 41 9.68 -1.14 -2.71
CA HIS A 41 8.86 0.06 -2.76
C HIS A 41 8.34 0.43 -1.38
N ARG A 42 9.04 -0.03 -0.34
CA ARG A 42 8.65 0.25 1.03
C ARG A 42 9.13 1.62 1.47
N HIS A 43 10.25 2.07 0.90
CA HIS A 43 10.82 3.37 1.23
C HIS A 43 10.10 4.49 0.48
N PRO A 44 9.89 5.62 1.16
CA PRO A 44 9.21 6.78 0.58
C PRO A 44 10.06 7.47 -0.49
N LEU A 45 11.22 6.89 -0.77
CA LEU A 45 12.12 7.46 -1.77
C LEU A 45 12.40 6.44 -2.87
N ASP A 46 11.58 5.39 -2.93
CA ASP A 46 11.74 4.36 -3.95
C ASP A 46 10.47 4.21 -4.78
N HIS A 47 9.34 4.57 -4.18
CA HIS A 47 8.06 4.48 -4.87
C HIS A 47 7.50 5.87 -5.16
N ASP A 48 8.39 6.81 -5.41
CA ASP A 48 7.99 8.19 -5.71
C ASP A 48 6.77 8.59 -4.88
N CYS A 49 6.81 8.26 -3.59
CA CYS A 49 5.72 8.59 -2.68
C CYS A 49 5.09 9.93 -3.05
N SER A 50 3.80 10.07 -2.77
CA SER A 50 3.08 11.30 -3.07
C SER A 50 2.64 11.99 -1.79
N GLY A 51 2.15 11.22 -0.83
CA GLY A 51 1.70 11.78 0.43
C GLY A 51 0.20 11.98 0.47
N GLU A 52 -0.50 11.08 1.16
CA GLU A 52 -1.95 11.16 1.27
C GLU A 52 -2.39 12.55 1.74
N GLY A 53 -3.04 13.30 0.85
CA GLY A 53 -3.49 14.63 1.19
C GLY A 53 -4.99 14.71 1.34
N HIS A 54 -5.49 15.87 1.75
CA HIS A 54 -6.92 16.08 1.93
C HIS A 54 -7.72 15.31 0.88
N PRO A 55 -8.90 14.82 1.27
CA PRO A 55 -9.78 14.07 0.37
C PRO A 55 -10.39 14.95 -0.71
N THR A 56 -10.99 14.32 -1.72
CA THR A 56 -11.61 15.04 -2.83
C THR A 56 -12.89 15.73 -2.37
N SER A 57 -12.89 17.06 -2.41
CA SER A 57 -14.06 17.84 -2.00
C SER A 57 -15.06 17.97 -3.14
N SER A 58 -14.58 18.47 -4.28
CA SER A 58 -15.43 18.65 -5.45
C SER A 58 -15.62 17.33 -6.19
N GLY A 59 -16.82 16.76 -6.10
CA GLY A 59 -17.11 15.51 -6.77
C GLY A 59 -18.57 15.38 -7.15
N PRO A 60 -18.82 15.22 -8.46
CA PRO A 60 -20.17 15.09 -9.00
C PRO A 60 -20.82 13.76 -8.62
N SER A 61 -21.71 13.80 -7.63
CA SER A 61 -22.38 12.59 -7.17
C SER A 61 -23.47 12.18 -8.16
N SER A 62 -23.07 11.44 -9.19
CA SER A 62 -24.01 10.97 -10.21
C SER A 62 -25.12 10.13 -9.58
N GLY A 63 -26.19 9.92 -10.34
CA GLY A 63 -27.31 9.13 -9.84
C GLY A 63 -27.98 8.33 -10.93
ZN ZN B . 6.46 -3.15 -4.91
ZN ZN C . 4.46 6.55 0.52
N GLY A 1 -27.41 -9.53 -10.47
CA GLY A 1 -26.25 -10.30 -10.06
C GLY A 1 -25.38 -9.55 -9.06
N SER A 2 -24.70 -10.28 -8.19
CA SER A 2 -23.83 -9.68 -7.19
C SER A 2 -22.37 -10.02 -7.45
N SER A 3 -21.50 -9.05 -7.25
CA SER A 3 -20.07 -9.24 -7.47
C SER A 3 -19.30 -9.15 -6.16
N GLY A 4 -19.22 -10.25 -5.44
CA GLY A 4 -18.51 -10.28 -4.18
C GLY A 4 -17.24 -11.10 -4.23
N SER A 5 -16.93 -11.80 -3.14
CA SER A 5 -15.72 -12.61 -3.08
C SER A 5 -14.48 -11.75 -3.11
N SER A 6 -14.51 -10.64 -2.36
CA SER A 6 -13.38 -9.72 -2.31
C SER A 6 -12.68 -9.82 -0.96
N GLY A 7 -11.35 -9.99 -1.00
CA GLY A 7 -10.58 -10.10 0.22
C GLY A 7 -9.12 -10.40 -0.04
N ARG A 8 -8.29 -10.24 0.99
CA ARG A 8 -6.87 -10.50 0.87
C ARG A 8 -6.41 -11.56 1.87
N LYS A 9 -5.22 -12.11 1.63
CA LYS A 9 -4.67 -13.14 2.51
C LYS A 9 -3.63 -12.54 3.46
N ILE A 10 -3.75 -12.88 4.74
CA ILE A 10 -2.82 -12.37 5.74
C ILE A 10 -1.39 -12.83 5.45
N PHE A 11 -1.25 -14.10 5.08
CA PHE A 11 0.06 -14.67 4.76
C PHE A 11 0.96 -13.62 4.12
N THR A 12 0.57 -13.16 2.94
CA THR A 12 1.35 -12.16 2.21
C THR A 12 0.46 -11.06 1.67
N ASN A 13 1.04 -9.88 1.46
CA ASN A 13 0.30 -8.74 0.94
C ASN A 13 0.82 -8.31 -0.43
N LYS A 14 -0.06 -7.77 -1.26
CA LYS A 14 0.32 -7.31 -2.59
C LYS A 14 0.74 -5.85 -2.56
N CYS A 15 1.87 -5.56 -3.21
CA CYS A 15 2.38 -4.19 -3.27
C CYS A 15 1.38 -3.26 -3.95
N GLU A 16 1.53 -1.96 -3.69
CA GLU A 16 0.64 -0.97 -4.28
C GLU A 16 1.38 -0.13 -5.33
N ARG A 17 2.71 -0.20 -5.30
CA ARG A 17 3.53 0.56 -6.23
C ARG A 17 3.05 0.35 -7.67
N ALA A 18 3.13 1.40 -8.47
CA ALA A 18 2.70 1.34 -9.86
C ALA A 18 3.49 0.30 -10.63
N GLY A 19 2.78 -0.63 -11.28
CA GLY A 19 3.43 -1.67 -12.04
C GLY A 19 4.20 -2.63 -11.16
N CYS A 20 3.68 -2.88 -9.96
CA CYS A 20 4.33 -3.79 -9.02
C CYS A 20 3.33 -4.81 -8.47
N ARG A 21 3.75 -6.07 -8.41
CA ARG A 21 2.90 -7.13 -7.91
C ARG A 21 3.66 -8.02 -6.93
N GLN A 22 4.61 -7.43 -6.21
CA GLN A 22 5.41 -8.17 -5.24
C GLN A 22 4.57 -8.59 -4.05
N ARG A 23 4.84 -9.78 -3.53
CA ARG A 23 4.10 -10.30 -2.38
C ARG A 23 5.02 -10.50 -1.18
N GLU A 24 4.76 -9.77 -0.11
CA GLU A 24 5.58 -9.86 1.09
C GLU A 24 4.80 -10.51 2.23
N MET A 25 5.45 -11.39 2.97
CA MET A 25 4.81 -12.08 4.09
C MET A 25 4.45 -11.10 5.20
N MET A 26 5.32 -10.12 5.42
CA MET A 26 5.10 -9.12 6.46
C MET A 26 4.50 -7.85 5.85
N LYS A 27 3.59 -7.22 6.61
CA LYS A 27 2.93 -6.00 6.15
C LYS A 27 3.90 -4.82 6.20
N LEU A 28 3.99 -4.10 5.09
CA LEU A 28 4.88 -2.94 5.00
C LEU A 28 4.13 -1.73 4.47
N THR A 29 3.61 -0.91 5.38
CA THR A 29 2.88 0.29 5.00
C THR A 29 3.74 1.55 5.16
N CYS A 30 3.75 2.38 4.13
CA CYS A 30 4.53 3.62 4.16
C CYS A 30 4.19 4.46 5.39
N GLU A 31 5.00 5.48 5.64
CA GLU A 31 4.78 6.36 6.79
C GLU A 31 4.26 7.72 6.33
N ARG A 32 4.30 7.96 5.03
CA ARG A 32 3.83 9.22 4.47
C ARG A 32 2.46 9.05 3.82
N CYS A 33 2.37 8.14 2.86
CA CYS A 33 1.12 7.88 2.16
C CYS A 33 0.26 6.88 2.93
N SER A 34 0.90 6.06 3.74
CA SER A 34 0.19 5.06 4.55
C SER A 34 -0.38 3.96 3.65
N ARG A 35 0.38 3.59 2.63
CA ARG A 35 -0.06 2.55 1.70
C ARG A 35 0.86 1.33 1.79
N ASN A 36 0.33 0.17 1.38
CA ASN A 36 1.10 -1.07 1.40
C ASN A 36 2.10 -1.11 0.26
N PHE A 37 3.26 -1.72 0.51
CA PHE A 37 4.30 -1.83 -0.50
C PHE A 37 5.29 -2.93 -0.14
N CYS A 38 6.20 -3.24 -1.06
CA CYS A 38 7.20 -4.27 -0.84
C CYS A 38 8.53 -3.66 -0.38
N ILE A 39 9.27 -4.42 0.40
CA ILE A 39 10.56 -3.95 0.91
C ILE A 39 11.27 -3.09 -0.12
N LYS A 40 11.21 -3.50 -1.38
CA LYS A 40 11.84 -2.76 -2.46
C LYS A 40 11.23 -1.37 -2.61
N HIS A 41 9.90 -1.32 -2.58
CA HIS A 41 9.18 -0.05 -2.72
C HIS A 41 8.62 0.39 -1.38
N ARG A 42 9.16 -0.16 -0.30
CA ARG A 42 8.71 0.18 1.05
C ARG A 42 9.14 1.60 1.43
N HIS A 43 10.27 2.03 0.88
CA HIS A 43 10.79 3.37 1.16
C HIS A 43 10.16 4.39 0.24
N PRO A 44 9.88 5.59 0.77
CA PRO A 44 9.29 6.69 0.01
C PRO A 44 10.25 7.27 -1.02
N LEU A 45 11.42 6.65 -1.15
CA LEU A 45 12.42 7.12 -2.10
C LEU A 45 12.46 6.21 -3.32
N ASP A 46 12.03 4.97 -3.15
CA ASP A 46 12.01 4.00 -4.25
C ASP A 46 10.60 3.78 -4.76
N HIS A 47 9.74 4.77 -4.56
CA HIS A 47 8.36 4.69 -4.99
C HIS A 47 7.69 6.07 -4.99
N ASP A 48 6.97 6.38 -6.06
CA ASP A 48 6.29 7.66 -6.18
C ASP A 48 5.38 7.90 -4.97
N CYS A 49 5.94 8.49 -3.92
CA CYS A 49 5.19 8.76 -2.71
C CYS A 49 4.33 10.02 -2.88
N SER A 50 3.01 9.86 -2.72
CA SER A 50 2.09 10.97 -2.87
C SER A 50 1.85 11.66 -1.53
N GLY A 51 1.55 10.86 -0.50
CA GLY A 51 1.30 11.40 0.82
C GLY A 51 -0.14 11.86 0.99
N GLU A 52 -0.72 11.52 2.13
CA GLU A 52 -2.11 11.90 2.42
C GLU A 52 -2.15 13.04 3.43
N GLY A 53 -3.36 13.52 3.71
CA GLY A 53 -3.52 14.62 4.66
C GLY A 53 -4.81 14.50 5.45
N HIS A 54 -5.05 15.47 6.32
CA HIS A 54 -6.25 15.48 7.15
C HIS A 54 -7.13 16.68 6.82
N PRO A 55 -8.27 16.43 6.16
CA PRO A 55 -9.22 17.48 5.78
C PRO A 55 -9.94 18.08 6.99
N THR A 56 -10.31 17.23 7.93
CA THR A 56 -11.00 17.69 9.14
C THR A 56 -11.95 18.83 8.82
N SER A 57 -12.64 18.73 7.69
CA SER A 57 -13.59 19.75 7.27
C SER A 57 -14.50 20.15 8.43
N SER A 58 -14.39 21.40 8.86
CA SER A 58 -15.20 21.90 9.96
C SER A 58 -16.52 22.47 9.44
N GLY A 59 -17.60 22.25 10.20
CA GLY A 59 -18.90 22.75 9.80
C GLY A 59 -20.03 21.89 10.33
N PRO A 60 -21.27 22.29 10.03
CA PRO A 60 -22.47 21.56 10.47
C PRO A 60 -22.62 20.22 9.76
N SER A 61 -22.17 20.16 8.51
CA SER A 61 -22.27 18.93 7.73
C SER A 61 -23.55 18.18 8.05
N SER A 62 -24.65 18.92 8.17
CA SER A 62 -25.95 18.31 8.48
C SER A 62 -26.17 17.05 7.67
N GLY A 63 -25.94 15.90 8.31
CA GLY A 63 -26.11 14.63 7.62
C GLY A 63 -27.27 13.83 8.18
ZN ZN B . 6.70 -3.03 -4.81
ZN ZN C . 4.82 6.57 0.46
N GLY A 1 -2.53 -34.01 -11.99
CA GLY A 1 -2.72 -34.37 -10.60
C GLY A 1 -1.97 -33.46 -9.65
N SER A 2 -2.29 -33.55 -8.36
CA SER A 2 -1.64 -32.72 -7.36
C SER A 2 -0.78 -33.59 -6.42
N SER A 3 0.39 -33.08 -6.07
CA SER A 3 1.30 -33.79 -5.18
C SER A 3 2.08 -32.82 -4.30
N GLY A 4 2.49 -33.29 -3.13
CA GLY A 4 3.25 -32.45 -2.21
C GLY A 4 2.36 -31.53 -1.40
N SER A 5 2.96 -30.52 -0.78
CA SER A 5 2.21 -29.57 0.03
C SER A 5 2.40 -28.15 -0.48
N SER A 6 1.28 -27.46 -0.70
CA SER A 6 1.32 -26.08 -1.19
C SER A 6 0.82 -25.11 -0.14
N GLY A 7 1.26 -23.86 -0.24
CA GLY A 7 0.84 -22.85 0.72
C GLY A 7 0.28 -21.62 0.05
N ARG A 8 -0.53 -21.81 -0.99
CA ARG A 8 -1.13 -20.71 -1.72
C ARG A 8 -2.36 -20.18 -1.00
N LYS A 9 -2.12 -19.33 0.00
CA LYS A 9 -3.21 -18.75 0.78
C LYS A 9 -3.29 -17.24 0.56
N ILE A 10 -4.50 -16.70 0.70
CA ILE A 10 -4.70 -15.26 0.52
C ILE A 10 -4.31 -14.48 1.76
N PHE A 11 -3.15 -14.83 2.32
CA PHE A 11 -2.66 -14.16 3.52
C PHE A 11 -1.65 -13.07 3.16
N THR A 12 -0.79 -13.36 2.20
CA THR A 12 0.22 -12.40 1.76
C THR A 12 -0.42 -11.09 1.32
N ASN A 13 0.39 -10.04 1.26
CA ASN A 13 -0.10 -8.72 0.86
C ASN A 13 0.45 -8.34 -0.51
N LYS A 14 -0.36 -7.61 -1.28
CA LYS A 14 0.05 -7.17 -2.62
C LYS A 14 0.49 -5.72 -2.60
N CYS A 15 1.72 -5.47 -3.01
CA CYS A 15 2.26 -4.10 -3.05
C CYS A 15 1.29 -3.16 -3.75
N GLU A 16 1.40 -1.87 -3.43
CA GLU A 16 0.53 -0.86 -4.03
C GLU A 16 1.31 -0.01 -5.03
N ARG A 17 2.36 -0.58 -5.60
CA ARG A 17 3.19 0.13 -6.57
C ARG A 17 2.92 -0.37 -7.98
N ALA A 18 3.10 0.50 -8.96
CA ALA A 18 2.88 0.15 -10.35
C ALA A 18 3.98 -0.76 -10.88
N GLY A 19 3.61 -1.75 -11.66
CA GLY A 19 4.58 -2.68 -12.22
C GLY A 19 5.36 -3.41 -11.13
N CYS A 20 4.67 -3.78 -10.06
CA CYS A 20 5.30 -4.48 -8.96
C CYS A 20 4.43 -5.65 -8.49
N ARG A 21 3.24 -5.34 -8.01
CA ARG A 21 2.31 -6.36 -7.53
C ARG A 21 3.06 -7.44 -6.74
N GLN A 22 4.12 -7.03 -6.06
CA GLN A 22 4.92 -7.96 -5.26
C GLN A 22 4.05 -8.65 -4.21
N ARG A 23 4.62 -9.67 -3.56
CA ARG A 23 3.89 -10.42 -2.54
C ARG A 23 4.77 -10.61 -1.30
N GLU A 24 4.76 -9.62 -0.41
CA GLU A 24 5.55 -9.67 0.81
C GLU A 24 4.80 -10.45 1.89
N MET A 25 5.54 -11.27 2.63
CA MET A 25 4.94 -12.06 3.71
C MET A 25 4.42 -11.17 4.82
N MET A 26 5.16 -10.12 5.14
CA MET A 26 4.76 -9.17 6.18
C MET A 26 4.13 -7.92 5.57
N LYS A 27 3.40 -7.19 6.40
CA LYS A 27 2.74 -5.96 5.95
C LYS A 27 3.64 -4.76 6.12
N LEU A 28 3.92 -4.06 5.03
CA LEU A 28 4.77 -2.88 5.05
C LEU A 28 4.02 -1.65 4.55
N THR A 29 3.68 -0.76 5.46
CA THR A 29 2.96 0.46 5.10
C THR A 29 3.86 1.70 5.24
N CYS A 30 3.79 2.59 4.27
CA CYS A 30 4.58 3.82 4.29
C CYS A 30 4.28 4.64 5.53
N GLU A 31 5.07 5.69 5.73
CA GLU A 31 4.90 6.57 6.88
C GLU A 31 4.32 7.92 6.46
N ARG A 32 4.41 8.21 5.17
CA ARG A 32 3.90 9.47 4.63
C ARG A 32 2.53 9.26 3.99
N CYS A 33 2.45 8.31 3.06
CA CYS A 33 1.20 8.02 2.38
C CYS A 33 0.40 6.97 3.13
N SER A 34 1.07 6.21 4.00
CA SER A 34 0.42 5.17 4.78
C SER A 34 -0.18 4.10 3.86
N ARG A 35 0.58 3.71 2.84
CA ARG A 35 0.12 2.70 1.89
C ARG A 35 1.02 1.47 1.93
N ASN A 36 0.46 0.32 1.60
CA ASN A 36 1.21 -0.94 1.60
C ASN A 36 2.17 -0.99 0.41
N PHE A 37 3.32 -1.61 0.61
CA PHE A 37 4.33 -1.73 -0.44
C PHE A 37 5.30 -2.86 -0.14
N CYS A 38 6.19 -3.14 -1.08
CA CYS A 38 7.17 -4.20 -0.92
C CYS A 38 8.53 -3.63 -0.53
N ILE A 39 9.31 -4.42 0.20
CA ILE A 39 10.63 -3.99 0.64
C ILE A 39 11.32 -3.13 -0.41
N LYS A 40 11.10 -3.47 -1.68
CA LYS A 40 11.69 -2.73 -2.78
C LYS A 40 11.12 -1.32 -2.85
N HIS A 41 9.80 -1.21 -2.70
CA HIS A 41 9.12 0.08 -2.75
C HIS A 41 8.66 0.50 -1.36
N ARG A 42 9.19 -0.15 -0.33
CA ARG A 42 8.84 0.15 1.05
C ARG A 42 9.27 1.57 1.42
N HIS A 43 10.30 2.06 0.74
CA HIS A 43 10.81 3.41 1.01
C HIS A 43 10.14 4.43 0.09
N PRO A 44 9.88 5.63 0.63
CA PRO A 44 9.24 6.71 -0.13
C PRO A 44 10.17 7.29 -1.19
N LEU A 45 11.33 6.66 -1.38
CA LEU A 45 12.30 7.11 -2.36
C LEU A 45 12.24 6.24 -3.61
N ASP A 46 11.78 5.01 -3.45
CA ASP A 46 11.67 4.08 -4.57
C ASP A 46 10.22 3.93 -5.02
N HIS A 47 9.41 4.95 -4.76
CA HIS A 47 8.01 4.93 -5.13
C HIS A 47 7.40 6.33 -5.02
N ASP A 48 6.65 6.73 -6.04
CA ASP A 48 6.02 8.04 -6.05
C ASP A 48 5.15 8.23 -4.81
N CYS A 49 5.74 8.80 -3.77
CA CYS A 49 5.03 9.04 -2.52
C CYS A 49 4.19 10.32 -2.61
N SER A 50 2.88 10.16 -2.50
CA SER A 50 1.97 11.29 -2.57
C SER A 50 1.75 11.90 -1.19
N GLY A 51 1.34 11.06 -0.23
CA GLY A 51 1.10 11.54 1.11
C GLY A 51 -0.33 11.97 1.33
N GLU A 52 -1.21 11.00 1.59
CA GLU A 52 -2.62 11.28 1.82
C GLU A 52 -2.80 12.61 2.52
N GLY A 53 -1.97 12.87 3.53
CA GLY A 53 -2.04 14.10 4.28
C GLY A 53 -1.87 15.32 3.39
N HIS A 54 -2.97 15.82 2.83
CA HIS A 54 -2.92 16.98 1.95
C HIS A 54 -3.88 18.06 2.45
N PRO A 55 -3.52 19.33 2.20
CA PRO A 55 -4.34 20.48 2.60
C PRO A 55 -5.63 20.58 1.80
N THR A 56 -6.62 21.26 2.38
CA THR A 56 -7.91 21.43 1.72
C THR A 56 -7.78 22.29 0.47
N SER A 57 -8.50 21.91 -0.58
CA SER A 57 -8.46 22.63 -1.85
C SER A 57 -9.86 23.09 -2.26
N SER A 58 -9.94 24.29 -2.83
CA SER A 58 -11.22 24.84 -3.26
C SER A 58 -12.04 23.79 -4.00
N GLY A 59 -11.41 23.09 -4.93
CA GLY A 59 -12.09 22.07 -5.70
C GLY A 59 -11.36 21.71 -6.97
N PRO A 60 -11.76 20.59 -7.60
CA PRO A 60 -11.14 20.12 -8.84
C PRO A 60 -11.47 21.01 -10.03
N SER A 61 -10.46 21.24 -10.87
CA SER A 61 -10.64 22.09 -12.05
C SER A 61 -11.37 21.34 -13.15
N SER A 62 -12.70 21.35 -13.08
CA SER A 62 -13.52 20.67 -14.07
C SER A 62 -13.83 21.58 -15.25
N GLY A 63 -14.06 20.99 -16.41
CA GLY A 63 -14.36 21.78 -17.59
C GLY A 63 -15.27 21.04 -18.56
ZN ZN B . 6.48 -2.72 -4.78
ZN ZN C . 4.88 6.73 0.56
N GLY A 1 -7.54 -30.46 3.11
CA GLY A 1 -6.44 -29.53 3.13
C GLY A 1 -6.62 -28.40 2.13
N SER A 2 -6.32 -28.67 0.86
CA SER A 2 -6.45 -27.68 -0.19
C SER A 2 -7.32 -28.20 -1.33
N SER A 3 -8.41 -28.87 -0.98
CA SER A 3 -9.31 -29.43 -1.97
C SER A 3 -10.16 -28.33 -2.62
N GLY A 4 -9.72 -27.86 -3.79
CA GLY A 4 -10.44 -26.82 -4.49
C GLY A 4 -9.60 -25.57 -4.69
N SER A 5 -8.87 -25.19 -3.66
CA SER A 5 -8.02 -24.00 -3.73
C SER A 5 -6.54 -24.38 -3.77
N SER A 6 -5.83 -23.86 -4.77
CA SER A 6 -4.41 -24.15 -4.92
C SER A 6 -3.57 -23.32 -3.96
N GLY A 7 -3.64 -22.01 -4.10
CA GLY A 7 -2.89 -21.12 -3.24
C GLY A 7 -3.39 -19.69 -3.29
N ARG A 8 -2.69 -18.84 -4.04
CA ARG A 8 -3.07 -17.44 -4.16
C ARG A 8 -3.73 -16.94 -2.88
N LYS A 9 -3.09 -17.22 -1.75
CA LYS A 9 -3.62 -16.79 -0.46
C LYS A 9 -3.48 -15.28 -0.27
N ILE A 10 -4.06 -14.77 0.79
CA ILE A 10 -4.00 -13.34 1.08
C ILE A 10 -2.90 -13.02 2.09
N PHE A 11 -2.52 -14.03 2.87
CA PHE A 11 -1.48 -13.87 3.89
C PHE A 11 -0.34 -12.99 3.35
N THR A 12 -0.17 -12.99 2.03
CA THR A 12 0.88 -12.20 1.40
C THR A 12 0.31 -10.97 0.71
N ASN A 13 0.24 -9.87 1.43
CA ASN A 13 -0.29 -8.62 0.89
C ASN A 13 0.22 -8.39 -0.53
N LYS A 14 -0.41 -7.46 -1.23
CA LYS A 14 -0.02 -7.14 -2.61
C LYS A 14 0.44 -5.69 -2.71
N CYS A 15 1.72 -5.50 -3.05
CA CYS A 15 2.28 -4.16 -3.18
C CYS A 15 1.32 -3.24 -3.93
N GLU A 16 1.21 -2.00 -3.45
CA GLU A 16 0.32 -1.03 -4.07
C GLU A 16 1.07 -0.20 -5.11
N ARG A 17 2.16 -0.76 -5.63
CA ARG A 17 2.95 -0.07 -6.64
C ARG A 17 2.49 -0.43 -8.05
N ALA A 18 2.72 0.48 -8.99
CA ALA A 18 2.33 0.26 -10.38
C ALA A 18 3.35 -0.61 -11.10
N GLY A 19 2.86 -1.65 -11.78
CA GLY A 19 3.74 -2.54 -12.51
C GLY A 19 4.62 -3.36 -11.59
N CYS A 20 4.08 -3.74 -10.44
CA CYS A 20 4.82 -4.53 -9.47
C CYS A 20 4.03 -5.78 -9.06
N ARG A 21 4.73 -6.90 -8.95
CA ARG A 21 4.09 -8.15 -8.57
C ARG A 21 4.75 -8.74 -7.32
N GLN A 22 5.25 -7.86 -6.46
CA GLN A 22 5.90 -8.30 -5.23
C GLN A 22 4.88 -8.81 -4.21
N ARG A 23 5.34 -9.60 -3.26
CA ARG A 23 4.47 -10.15 -2.24
C ARG A 23 5.22 -10.35 -0.92
N GLU A 24 4.96 -9.47 0.04
CA GLU A 24 5.62 -9.54 1.34
C GLU A 24 4.69 -10.16 2.39
N MET A 25 5.08 -11.32 2.91
CA MET A 25 4.29 -12.01 3.92
C MET A 25 3.83 -11.05 5.00
N MET A 26 4.68 -10.08 5.32
CA MET A 26 4.36 -9.09 6.35
C MET A 26 3.70 -7.86 5.73
N LYS A 27 3.22 -6.96 6.58
CA LYS A 27 2.57 -5.74 6.13
C LYS A 27 3.51 -4.55 6.23
N LEU A 28 3.80 -3.92 5.09
CA LEU A 28 4.69 -2.77 5.04
C LEU A 28 3.94 -1.53 4.58
N THR A 29 3.49 -0.71 5.52
CA THR A 29 2.76 0.51 5.21
C THR A 29 3.66 1.73 5.36
N CYS A 30 3.70 2.57 4.33
CA CYS A 30 4.50 3.77 4.35
C CYS A 30 4.21 4.61 5.60
N GLU A 31 5.03 5.64 5.82
CA GLU A 31 4.86 6.51 6.98
C GLU A 31 4.30 7.87 6.54
N ARG A 32 4.31 8.13 5.24
CA ARG A 32 3.83 9.39 4.70
C ARG A 32 2.47 9.19 4.03
N CYS A 33 2.41 8.25 3.10
CA CYS A 33 1.17 7.97 2.38
C CYS A 33 0.34 6.92 3.11
N SER A 34 1.01 6.14 3.96
CA SER A 34 0.32 5.09 4.71
C SER A 34 -0.28 4.05 3.79
N ARG A 35 0.52 3.55 2.86
CA ARG A 35 0.06 2.55 1.90
C ARG A 35 0.98 1.32 1.92
N ASN A 36 0.41 0.17 1.56
CA ASN A 36 1.18 -1.07 1.52
C ASN A 36 2.13 -1.09 0.34
N PHE A 37 3.30 -1.70 0.54
CA PHE A 37 4.30 -1.79 -0.52
C PHE A 37 5.32 -2.88 -0.22
N CYS A 38 6.18 -3.17 -1.18
CA CYS A 38 7.19 -4.20 -1.02
C CYS A 38 8.53 -3.59 -0.58
N ILE A 39 9.31 -4.37 0.16
CA ILE A 39 10.60 -3.91 0.64
C ILE A 39 11.31 -3.04 -0.41
N LYS A 40 11.16 -3.43 -1.67
CA LYS A 40 11.78 -2.69 -2.76
C LYS A 40 11.16 -1.30 -2.91
N HIS A 41 9.84 -1.24 -2.78
CA HIS A 41 9.12 0.03 -2.88
C HIS A 41 8.60 0.48 -1.52
N ARG A 42 9.18 -0.08 -0.46
CA ARG A 42 8.78 0.26 0.90
C ARG A 42 9.23 1.67 1.27
N HIS A 43 10.37 2.09 0.69
CA HIS A 43 10.91 3.41 0.96
C HIS A 43 10.27 4.46 0.06
N PRO A 44 10.03 5.66 0.61
CA PRO A 44 9.42 6.77 -0.12
C PRO A 44 10.36 7.33 -1.19
N LEU A 45 11.52 6.72 -1.34
CA LEU A 45 12.51 7.17 -2.32
C LEU A 45 12.43 6.31 -3.59
N ASP A 46 11.98 5.08 -3.44
CA ASP A 46 11.86 4.16 -4.57
C ASP A 46 10.39 3.98 -4.97
N HIS A 47 9.57 4.96 -4.61
CA HIS A 47 8.15 4.91 -4.93
C HIS A 47 7.52 6.30 -4.84
N ASP A 48 6.72 6.65 -5.84
CA ASP A 48 6.06 7.95 -5.89
C ASP A 48 5.20 8.15 -4.63
N CYS A 49 5.80 8.75 -3.61
CA CYS A 49 5.09 9.02 -2.36
C CYS A 49 4.23 10.27 -2.47
N SER A 50 2.96 10.15 -2.11
CA SER A 50 2.03 11.27 -2.18
C SER A 50 1.95 11.98 -0.83
N GLY A 51 1.71 11.20 0.23
CA GLY A 51 1.62 11.78 1.55
C GLY A 51 0.27 12.45 1.80
N GLU A 52 -0.80 11.65 1.78
CA GLU A 52 -2.13 12.18 2.01
C GLU A 52 -2.46 13.29 1.01
N GLY A 53 -2.07 13.08 -0.24
CA GLY A 53 -2.31 14.08 -1.27
C GLY A 53 -3.27 13.58 -2.34
N HIS A 54 -4.57 13.73 -2.09
CA HIS A 54 -5.58 13.28 -3.04
C HIS A 54 -6.55 14.41 -3.37
N PRO A 55 -6.55 14.85 -4.64
CA PRO A 55 -7.41 15.93 -5.11
C PRO A 55 -8.89 15.51 -5.15
N THR A 56 -9.65 15.97 -4.16
CA THR A 56 -11.06 15.65 -4.08
C THR A 56 -11.80 16.05 -5.36
N SER A 57 -12.68 15.19 -5.83
CA SER A 57 -13.45 15.45 -7.05
C SER A 57 -14.89 15.81 -6.72
N SER A 58 -15.32 16.97 -7.19
CA SER A 58 -16.68 17.45 -6.95
C SER A 58 -17.10 18.46 -8.01
N GLY A 59 -18.41 18.51 -8.27
CA GLY A 59 -18.92 19.44 -9.25
C GLY A 59 -19.87 18.78 -10.23
N PRO A 60 -21.05 18.37 -9.74
CA PRO A 60 -22.07 17.71 -10.55
C PRO A 60 -22.71 18.66 -11.55
N SER A 61 -23.24 18.10 -12.64
CA SER A 61 -23.88 18.91 -13.68
C SER A 61 -25.28 19.32 -13.25
N SER A 62 -25.36 20.34 -12.40
CA SER A 62 -26.63 20.84 -11.90
C SER A 62 -27.40 19.74 -11.17
N GLY A 63 -26.67 18.94 -10.41
CA GLY A 63 -27.30 17.85 -9.67
C GLY A 63 -28.60 18.27 -9.01
ZN ZN B . 6.48 -3.22 -5.11
ZN ZN C . 4.91 6.78 0.68
N GLY A 1 -8.00 -28.34 -19.88
CA GLY A 1 -7.03 -27.55 -19.17
C GLY A 1 -7.67 -26.44 -18.34
N SER A 2 -7.10 -26.18 -17.18
CA SER A 2 -7.63 -25.14 -16.29
C SER A 2 -6.54 -24.13 -15.92
N SER A 3 -6.93 -22.88 -15.75
CA SER A 3 -6.00 -21.82 -15.40
C SER A 3 -6.19 -21.38 -13.96
N GLY A 4 -5.30 -21.85 -13.08
CA GLY A 4 -5.38 -21.49 -11.67
C GLY A 4 -4.02 -21.37 -11.02
N SER A 5 -3.89 -20.40 -10.11
CA SER A 5 -2.63 -20.17 -9.42
C SER A 5 -2.73 -20.61 -7.96
N SER A 6 -1.76 -21.41 -7.52
CA SER A 6 -1.74 -21.89 -6.15
C SER A 6 -1.06 -20.89 -5.22
N GLY A 7 -1.67 -20.66 -4.06
CA GLY A 7 -1.12 -19.71 -3.10
C GLY A 7 -2.08 -18.59 -2.78
N ARG A 8 -3.33 -18.95 -2.53
CA ARG A 8 -4.36 -17.96 -2.20
C ARG A 8 -4.59 -17.91 -0.69
N LYS A 9 -3.74 -17.18 0.01
CA LYS A 9 -3.85 -17.03 1.46
C LYS A 9 -3.87 -15.56 1.86
N ILE A 10 -4.61 -15.27 2.93
CA ILE A 10 -4.72 -13.90 3.42
C ILE A 10 -3.61 -13.59 4.42
N PHE A 11 -2.50 -14.29 4.30
CA PHE A 11 -1.36 -14.09 5.20
C PHE A 11 -0.38 -13.08 4.62
N THR A 12 -0.20 -13.13 3.30
CA THR A 12 0.71 -12.22 2.61
C THR A 12 -0.02 -10.97 2.13
N ASN A 13 0.75 -9.97 1.72
CA ASN A 13 0.18 -8.72 1.23
C ASN A 13 0.71 -8.38 -0.16
N LYS A 14 0.00 -7.50 -0.86
CA LYS A 14 0.41 -7.10 -2.20
C LYS A 14 0.87 -5.64 -2.22
N CYS A 15 1.81 -5.33 -3.10
CA CYS A 15 2.32 -3.97 -3.22
C CYS A 15 1.34 -3.07 -3.95
N GLU A 16 1.29 -1.80 -3.54
CA GLU A 16 0.38 -0.84 -4.16
C GLU A 16 1.09 -0.08 -5.28
N ARG A 17 2.18 -0.66 -5.79
CA ARG A 17 2.94 -0.05 -6.86
C ARG A 17 2.56 -0.66 -8.21
N ALA A 18 2.63 0.15 -9.27
CA ALA A 18 2.31 -0.32 -10.61
C ALA A 18 3.42 -1.20 -11.17
N GLY A 19 3.03 -2.27 -11.86
CA GLY A 19 4.00 -3.18 -12.43
C GLY A 19 4.85 -3.87 -11.38
N CYS A 20 4.26 -4.11 -10.21
CA CYS A 20 4.97 -4.78 -9.12
C CYS A 20 4.14 -5.93 -8.56
N ARG A 21 3.06 -5.60 -7.87
CA ARG A 21 2.18 -6.61 -7.29
C ARG A 21 2.99 -7.63 -6.50
N GLN A 22 4.07 -7.17 -5.88
CA GLN A 22 4.93 -8.05 -5.09
C GLN A 22 4.15 -8.72 -3.98
N ARG A 23 4.77 -9.70 -3.33
CA ARG A 23 4.12 -10.42 -2.24
C ARG A 23 5.07 -10.57 -1.05
N GLU A 24 5.02 -9.60 -0.14
CA GLU A 24 5.87 -9.62 1.04
C GLU A 24 5.19 -10.38 2.19
N MET A 25 5.91 -11.34 2.76
CA MET A 25 5.37 -12.13 3.87
C MET A 25 4.80 -11.23 4.95
N MET A 26 5.48 -10.12 5.22
CA MET A 26 5.03 -9.18 6.23
C MET A 26 4.43 -7.93 5.59
N LYS A 27 3.57 -7.24 6.34
CA LYS A 27 2.92 -6.03 5.83
C LYS A 27 3.82 -4.82 6.03
N LEU A 28 4.02 -4.06 4.96
CA LEU A 28 4.85 -2.86 5.00
C LEU A 28 4.09 -1.65 4.50
N THR A 29 3.46 -0.93 5.40
CA THR A 29 2.69 0.27 5.05
C THR A 29 3.48 1.53 5.36
N CYS A 30 3.48 2.47 4.41
CA CYS A 30 4.20 3.74 4.59
C CYS A 30 3.63 4.51 5.78
N GLU A 31 4.38 5.51 6.23
CA GLU A 31 3.94 6.34 7.35
C GLU A 31 3.46 7.70 6.87
N ARG A 32 3.90 8.11 5.68
CA ARG A 32 3.51 9.39 5.11
C ARG A 32 2.23 9.24 4.29
N CYS A 33 2.25 8.35 3.32
CA CYS A 33 1.09 8.11 2.46
C CYS A 33 0.18 7.05 3.06
N SER A 34 0.75 6.21 3.93
CA SER A 34 -0.02 5.15 4.57
C SER A 34 -0.51 4.14 3.53
N ARG A 35 0.39 3.69 2.68
CA ARG A 35 0.04 2.72 1.64
C ARG A 35 0.95 1.49 1.71
N ASN A 36 0.42 0.35 1.29
CA ASN A 36 1.18 -0.90 1.32
C ASN A 36 2.17 -0.94 0.15
N PHE A 37 3.36 -1.47 0.41
CA PHE A 37 4.39 -1.57 -0.61
C PHE A 37 5.37 -2.70 -0.28
N CYS A 38 6.19 -3.06 -1.26
CA CYS A 38 7.17 -4.13 -1.09
C CYS A 38 8.53 -3.55 -0.69
N ILE A 39 9.32 -4.35 0.02
CA ILE A 39 10.63 -3.92 0.46
C ILE A 39 11.33 -3.08 -0.60
N LYS A 40 11.16 -3.49 -1.86
CA LYS A 40 11.77 -2.77 -2.98
C LYS A 40 11.19 -1.36 -3.10
N HIS A 41 9.88 -1.25 -2.95
CA HIS A 41 9.20 0.03 -3.04
C HIS A 41 8.70 0.49 -1.68
N ARG A 42 9.30 -0.05 -0.62
CA ARG A 42 8.92 0.30 0.74
C ARG A 42 9.36 1.72 1.09
N HIS A 43 10.56 2.08 0.64
CA HIS A 43 11.10 3.41 0.91
C HIS A 43 10.21 4.49 0.31
N PRO A 44 10.07 5.61 1.03
CA PRO A 44 9.24 6.74 0.58
C PRO A 44 9.85 7.47 -0.61
N LEU A 45 10.93 6.90 -1.16
CA LEU A 45 11.60 7.49 -2.31
C LEU A 45 11.56 6.55 -3.51
N ASP A 46 11.40 5.27 -3.24
CA ASP A 46 11.33 4.26 -4.30
C ASP A 46 9.96 4.25 -4.96
N HIS A 47 8.93 4.44 -4.16
CA HIS A 47 7.55 4.45 -4.68
C HIS A 47 7.06 5.88 -4.86
N ASP A 48 7.98 6.79 -5.13
CA ASP A 48 7.64 8.20 -5.34
C ASP A 48 6.59 8.65 -4.33
N CYS A 49 6.88 8.46 -3.05
CA CYS A 49 5.96 8.85 -1.99
C CYS A 49 5.33 10.21 -2.28
N SER A 50 4.06 10.36 -1.93
CA SER A 50 3.34 11.61 -2.16
C SER A 50 3.00 12.29 -0.84
N GLY A 51 2.47 11.51 0.11
CA GLY A 51 2.11 12.06 1.40
C GLY A 51 0.66 12.49 1.46
N GLU A 52 0.03 12.28 2.60
CA GLU A 52 -1.37 12.66 2.78
C GLU A 52 -1.59 14.13 2.46
N GLY A 53 -0.69 14.98 2.98
CA GLY A 53 -0.80 16.41 2.75
C GLY A 53 -0.79 17.21 4.03
N HIS A 54 -1.84 18.01 4.23
CA HIS A 54 -1.96 18.83 5.43
C HIS A 54 -2.34 17.98 6.64
N PRO A 55 -1.66 18.23 7.77
CA PRO A 55 -1.92 17.50 9.02
C PRO A 55 -3.26 17.85 9.64
N THR A 56 -3.98 18.78 9.01
CA THR A 56 -5.28 19.20 9.49
C THR A 56 -6.40 18.46 8.78
N SER A 57 -7.47 18.17 9.52
CA SER A 57 -8.61 17.45 8.95
C SER A 57 -9.42 18.35 8.02
N SER A 58 -9.71 19.56 8.49
CA SER A 58 -10.48 20.52 7.69
C SER A 58 -9.98 20.55 6.25
N GLY A 59 -10.73 19.89 5.36
CA GLY A 59 -10.34 19.86 3.96
C GLY A 59 -10.55 21.18 3.27
N PRO A 60 -10.19 21.24 1.98
CA PRO A 60 -10.33 22.47 1.18
C PRO A 60 -11.79 22.82 0.90
N SER A 61 -12.35 23.69 1.73
CA SER A 61 -13.74 24.11 1.58
C SER A 61 -13.83 25.62 1.41
N SER A 62 -13.12 26.35 2.25
CA SER A 62 -13.12 27.80 2.20
C SER A 62 -11.71 28.35 1.97
N GLY A 63 -11.62 29.65 1.72
CA GLY A 63 -10.33 30.27 1.48
C GLY A 63 -9.65 29.74 0.24
ZN ZN B . 6.49 -2.84 -5.06
ZN ZN C . 4.94 6.80 1.11
N GLY A 1 0.30 -26.81 -8.35
CA GLY A 1 -0.38 -28.08 -8.47
C GLY A 1 -1.85 -27.93 -8.81
N SER A 2 -2.34 -28.79 -9.69
CA SER A 2 -3.74 -28.75 -10.10
C SER A 2 -4.66 -28.91 -8.89
N SER A 3 -4.44 -29.97 -8.12
CA SER A 3 -5.26 -30.25 -6.95
C SER A 3 -4.39 -30.70 -5.77
N GLY A 4 -4.93 -30.59 -4.56
CA GLY A 4 -4.18 -30.99 -3.39
C GLY A 4 -3.84 -29.81 -2.49
N SER A 5 -4.82 -29.37 -1.70
CA SER A 5 -4.62 -28.25 -0.80
C SER A 5 -4.02 -27.05 -1.53
N SER A 6 -4.53 -26.79 -2.74
CA SER A 6 -4.05 -25.68 -3.55
C SER A 6 -5.20 -24.72 -3.89
N GLY A 7 -5.31 -23.65 -3.11
CA GLY A 7 -6.35 -22.67 -3.34
C GLY A 7 -5.84 -21.25 -3.30
N ARG A 8 -6.30 -20.48 -2.33
CA ARG A 8 -5.88 -19.08 -2.18
C ARG A 8 -6.07 -18.60 -0.75
N LYS A 9 -5.09 -17.85 -0.25
CA LYS A 9 -5.16 -17.32 1.11
C LYS A 9 -4.89 -15.81 1.12
N ILE A 10 -5.06 -15.20 2.29
CA ILE A 10 -4.84 -13.76 2.44
C ILE A 10 -3.81 -13.48 3.53
N PHE A 11 -2.79 -14.33 3.60
CA PHE A 11 -1.73 -14.17 4.60
C PHE A 11 -0.52 -13.45 4.00
N THR A 12 -0.77 -12.68 2.95
CA THR A 12 0.30 -11.94 2.28
C THR A 12 -0.08 -10.48 2.09
N ASN A 13 0.89 -9.67 1.65
CA ASN A 13 0.66 -8.25 1.43
C ASN A 13 1.03 -7.86 0.00
N LYS A 14 0.02 -7.57 -0.81
CA LYS A 14 0.24 -7.18 -2.20
C LYS A 14 0.67 -5.72 -2.29
N CYS A 15 1.87 -5.49 -2.82
CA CYS A 15 2.40 -4.14 -2.96
C CYS A 15 1.41 -3.24 -3.71
N GLU A 16 1.39 -1.97 -3.35
CA GLU A 16 0.49 -1.01 -3.98
C GLU A 16 1.25 -0.12 -4.97
N ARG A 17 2.39 -0.62 -5.45
CA ARG A 17 3.20 0.12 -6.40
C ARG A 17 2.90 -0.31 -7.83
N ALA A 18 2.20 0.55 -8.57
CA ALA A 18 1.84 0.26 -9.95
C ALA A 18 2.93 -0.54 -10.63
N GLY A 19 2.52 -1.56 -11.40
CA GLY A 19 3.48 -2.40 -12.10
C GLY A 19 4.09 -3.46 -11.21
N CYS A 20 4.35 -3.09 -9.95
CA CYS A 20 4.93 -4.02 -9.00
C CYS A 20 3.92 -5.07 -8.55
N ARG A 21 4.23 -6.33 -8.81
CA ARG A 21 3.34 -7.43 -8.44
C ARG A 21 3.99 -8.30 -7.37
N GLN A 22 4.76 -7.69 -6.50
CA GLN A 22 5.44 -8.42 -5.42
C GLN A 22 4.45 -8.77 -4.31
N ARG A 23 4.75 -9.86 -3.60
CA ARG A 23 3.89 -10.31 -2.50
C ARG A 23 4.72 -10.61 -1.25
N GLU A 24 4.91 -9.60 -0.42
CA GLU A 24 5.68 -9.77 0.81
C GLU A 24 4.85 -10.46 1.89
N MET A 25 5.51 -11.28 2.69
CA MET A 25 4.83 -12.00 3.76
C MET A 25 4.43 -11.06 4.89
N MET A 26 5.32 -10.12 5.20
CA MET A 26 5.07 -9.14 6.26
C MET A 26 4.35 -7.91 5.71
N LYS A 27 3.55 -7.27 6.56
CA LYS A 27 2.82 -6.08 6.16
C LYS A 27 3.70 -4.84 6.27
N LEU A 28 4.02 -4.24 5.12
CA LEU A 28 4.86 -3.05 5.08
C LEU A 28 4.07 -1.87 4.54
N THR A 29 3.70 -0.95 5.43
CA THR A 29 2.95 0.23 5.05
C THR A 29 3.80 1.49 5.15
N CYS A 30 3.58 2.43 4.24
CA CYS A 30 4.34 3.68 4.23
C CYS A 30 4.01 4.52 5.45
N GLU A 31 4.83 5.54 5.70
CA GLU A 31 4.63 6.42 6.85
C GLU A 31 4.05 7.75 6.41
N ARG A 32 4.19 8.06 5.12
CA ARG A 32 3.68 9.31 4.57
C ARG A 32 2.28 9.11 3.98
N CYS A 33 2.17 8.21 3.01
CA CYS A 33 0.89 7.92 2.37
C CYS A 33 0.14 6.82 3.11
N SER A 34 0.87 6.07 3.92
CA SER A 34 0.27 4.98 4.68
C SER A 34 -0.31 3.91 3.75
N ARG A 35 0.50 3.49 2.78
CA ARG A 35 0.07 2.48 1.82
C ARG A 35 0.97 1.25 1.88
N ASN A 36 0.42 0.10 1.56
CA ASN A 36 1.18 -1.15 1.57
C ASN A 36 2.15 -1.21 0.40
N PHE A 37 3.34 -1.74 0.64
CA PHE A 37 4.35 -1.86 -0.40
C PHE A 37 5.37 -2.95 -0.05
N CYS A 38 6.30 -3.19 -0.97
CA CYS A 38 7.32 -4.21 -0.77
C CYS A 38 8.65 -3.57 -0.35
N ILE A 39 9.42 -4.31 0.44
CA ILE A 39 10.71 -3.82 0.91
C ILE A 39 11.38 -2.94 -0.13
N LYS A 40 11.29 -3.37 -1.39
CA LYS A 40 11.89 -2.62 -2.49
C LYS A 40 11.25 -1.24 -2.63
N HIS A 41 9.92 -1.20 -2.60
CA HIS A 41 9.18 0.05 -2.72
C HIS A 41 8.64 0.49 -1.36
N ARG A 42 9.21 -0.06 -0.29
CA ARG A 42 8.79 0.28 1.06
C ARG A 42 9.22 1.69 1.42
N HIS A 43 10.36 2.12 0.88
CA HIS A 43 10.87 3.46 1.16
C HIS A 43 10.19 4.49 0.26
N PRO A 44 9.93 5.68 0.83
CA PRO A 44 9.27 6.77 0.11
C PRO A 44 10.16 7.37 -0.97
N LEU A 45 11.35 6.79 -1.15
CA LEU A 45 12.29 7.26 -2.15
C LEU A 45 12.27 6.37 -3.39
N ASP A 46 12.02 5.09 -3.17
CA ASP A 46 11.97 4.12 -4.27
C ASP A 46 10.61 4.15 -4.96
N HIS A 47 9.60 4.65 -4.25
CA HIS A 47 8.25 4.73 -4.79
C HIS A 47 7.71 6.15 -4.68
N ASP A 48 7.48 6.80 -5.82
CA ASP A 48 6.97 8.16 -5.84
C ASP A 48 5.82 8.32 -4.84
N CYS A 49 6.15 8.86 -3.67
CA CYS A 49 5.16 9.07 -2.61
C CYS A 49 4.50 10.44 -2.76
N SER A 50 3.18 10.44 -2.80
CA SER A 50 2.42 11.69 -2.93
C SER A 50 2.16 12.32 -1.57
N GLY A 51 1.80 11.48 -0.60
CA GLY A 51 1.53 11.97 0.74
C GLY A 51 0.11 12.50 0.88
N GLU A 52 -0.63 11.95 1.83
CA GLU A 52 -2.00 12.37 2.07
C GLU A 52 -2.04 13.75 2.73
N GLY A 53 -3.06 14.54 2.38
CA GLY A 53 -3.19 15.87 2.96
C GLY A 53 -4.57 16.11 3.54
N HIS A 54 -5.08 17.32 3.34
CA HIS A 54 -6.41 17.68 3.85
C HIS A 54 -7.48 17.41 2.80
N PRO A 55 -8.62 16.86 3.25
CA PRO A 55 -9.75 16.54 2.37
C PRO A 55 -10.44 17.80 1.85
N THR A 56 -9.92 18.96 2.21
CA THR A 56 -10.49 20.22 1.78
C THR A 56 -12.02 20.19 1.85
N SER A 57 -12.53 19.53 2.88
CA SER A 57 -13.98 19.42 3.07
C SER A 57 -14.38 19.76 4.50
N SER A 58 -15.62 20.18 4.69
CA SER A 58 -16.12 20.54 6.01
C SER A 58 -16.44 19.29 6.83
N GLY A 59 -17.11 18.33 6.19
CA GLY A 59 -17.46 17.10 6.88
C GLY A 59 -18.75 17.22 7.67
N PRO A 60 -19.52 16.13 7.73
CA PRO A 60 -20.79 16.10 8.46
C PRO A 60 -20.61 16.18 9.97
N SER A 61 -19.47 15.69 10.45
CA SER A 61 -19.17 15.70 11.88
C SER A 61 -17.70 16.02 12.11
N SER A 62 -17.36 16.36 13.35
CA SER A 62 -15.99 16.69 13.72
C SER A 62 -15.53 17.96 13.01
N GLY A 63 -16.41 18.96 12.96
CA GLY A 63 -16.07 20.22 12.32
C GLY A 63 -14.83 20.86 12.90
ZN ZN B . 6.64 -3.02 -4.76
ZN ZN C . 4.45 6.51 0.46
N GLY A 1 17.19 -9.55 21.04
CA GLY A 1 16.11 -10.13 21.83
C GLY A 1 15.85 -11.57 21.45
N SER A 2 15.00 -11.77 20.44
CA SER A 2 14.66 -13.12 19.99
C SER A 2 14.00 -13.07 18.62
N SER A 3 14.21 -14.13 17.84
CA SER A 3 13.63 -14.22 16.50
C SER A 3 13.19 -15.64 16.18
N GLY A 4 11.90 -15.82 15.94
CA GLY A 4 11.37 -17.13 15.62
C GLY A 4 9.90 -17.10 15.30
N SER A 5 9.53 -16.33 14.26
CA SER A 5 8.14 -16.21 13.85
C SER A 5 7.94 -16.82 12.47
N SER A 6 7.34 -18.01 12.43
CA SER A 6 7.09 -18.70 11.18
C SER A 6 6.07 -17.94 10.34
N GLY A 7 4.94 -17.60 10.95
CA GLY A 7 3.90 -16.88 10.25
C GLY A 7 2.57 -16.91 10.98
N ARG A 8 1.74 -15.91 10.74
CA ARG A 8 0.44 -15.82 11.39
C ARG A 8 -0.69 -15.98 10.36
N LYS A 9 -0.61 -15.22 9.27
CA LYS A 9 -1.61 -15.27 8.22
C LYS A 9 -1.04 -15.92 6.96
N ILE A 10 -1.35 -17.19 6.77
CA ILE A 10 -0.88 -17.92 5.60
C ILE A 10 -0.93 -17.06 4.35
N PHE A 11 -1.84 -16.09 4.35
CA PHE A 11 -2.00 -15.18 3.21
C PHE A 11 -0.76 -14.31 3.05
N THR A 12 -0.71 -13.59 1.93
CA THR A 12 0.42 -12.71 1.64
C THR A 12 -0.06 -11.34 1.15
N ASN A 13 0.47 -10.28 1.75
CA ASN A 13 0.10 -8.92 1.38
C ASN A 13 0.56 -8.62 -0.04
N LYS A 14 0.04 -7.52 -0.59
CA LYS A 14 0.40 -7.11 -1.94
C LYS A 14 0.94 -5.68 -1.95
N CYS A 15 1.71 -5.35 -2.98
CA CYS A 15 2.29 -4.01 -3.10
C CYS A 15 1.38 -3.10 -3.89
N GLU A 16 1.27 -1.85 -3.44
CA GLU A 16 0.41 -0.86 -4.10
C GLU A 16 1.23 -0.01 -5.08
N ARG A 17 2.27 -0.60 -5.65
CA ARG A 17 3.12 0.11 -6.60
C ARG A 17 2.70 -0.18 -8.04
N ALA A 18 2.89 0.82 -8.90
CA ALA A 18 2.54 0.67 -10.31
C ALA A 18 3.46 -0.33 -11.02
N GLY A 19 2.85 -1.27 -11.75
CA GLY A 19 3.63 -2.26 -12.45
C GLY A 19 4.46 -3.13 -11.52
N CYS A 20 3.91 -3.42 -10.35
CA CYS A 20 4.61 -4.24 -9.36
C CYS A 20 3.70 -5.33 -8.81
N ARG A 21 4.22 -6.54 -8.71
CA ARG A 21 3.44 -7.67 -8.20
C ARG A 21 4.19 -8.37 -7.07
N GLN A 22 4.90 -7.58 -6.26
CA GLN A 22 5.66 -8.13 -5.14
C GLN A 22 4.73 -8.72 -4.08
N ARG A 23 5.20 -9.75 -3.40
CA ARG A 23 4.39 -10.41 -2.36
C ARG A 23 5.21 -10.56 -1.08
N GLU A 24 5.00 -9.64 -0.14
CA GLU A 24 5.71 -9.68 1.13
C GLU A 24 4.88 -10.38 2.19
N MET A 25 5.50 -11.30 2.92
CA MET A 25 4.82 -12.04 3.97
C MET A 25 4.33 -11.10 5.07
N MET A 26 5.14 -10.10 5.39
CA MET A 26 4.79 -9.14 6.43
C MET A 26 4.18 -7.89 5.81
N LYS A 27 3.31 -7.24 6.56
CA LYS A 27 2.64 -6.02 6.10
C LYS A 27 3.59 -4.82 6.21
N LEU A 28 3.72 -4.09 5.10
CA LEU A 28 4.59 -2.91 5.08
C LEU A 28 3.84 -1.69 4.54
N THR A 29 3.53 -0.76 5.43
CA THR A 29 2.82 0.46 5.04
C THR A 29 3.70 1.68 5.20
N CYS A 30 3.66 2.57 4.21
CA CYS A 30 4.45 3.79 4.23
C CYS A 30 4.13 4.62 5.47
N GLU A 31 4.94 5.66 5.71
CA GLU A 31 4.74 6.52 6.87
C GLU A 31 4.12 7.86 6.44
N ARG A 32 4.38 8.25 5.19
CA ARG A 32 3.86 9.50 4.66
C ARG A 32 2.48 9.30 4.05
N CYS A 33 2.40 8.40 3.08
CA CYS A 33 1.14 8.10 2.41
C CYS A 33 0.34 7.06 3.17
N SER A 34 1.05 6.22 3.93
CA SER A 34 0.41 5.16 4.71
C SER A 34 -0.20 4.11 3.80
N ARG A 35 0.53 3.75 2.73
CA ARG A 35 0.06 2.75 1.79
C ARG A 35 0.95 1.52 1.82
N ASN A 36 0.37 0.37 1.49
CA ASN A 36 1.12 -0.89 1.48
C ASN A 36 2.09 -0.94 0.31
N PHE A 37 3.26 -1.53 0.55
CA PHE A 37 4.28 -1.63 -0.49
C PHE A 37 5.28 -2.74 -0.16
N CYS A 38 6.07 -3.13 -1.15
CA CYS A 38 7.07 -4.18 -0.97
C CYS A 38 8.40 -3.59 -0.51
N ILE A 39 9.18 -4.39 0.21
CA ILE A 39 10.48 -3.95 0.70
C ILE A 39 11.20 -3.11 -0.34
N LYS A 40 11.09 -3.50 -1.61
CA LYS A 40 11.73 -2.79 -2.70
C LYS A 40 11.13 -1.39 -2.86
N HIS A 41 9.81 -1.30 -2.69
CA HIS A 41 9.11 -0.02 -2.82
C HIS A 41 8.57 0.43 -1.46
N ARG A 42 9.17 -0.08 -0.40
CA ARG A 42 8.74 0.28 0.96
C ARG A 42 9.24 1.66 1.34
N HIS A 43 10.40 2.03 0.80
CA HIS A 43 10.99 3.33 1.09
C HIS A 43 10.35 4.42 0.23
N PRO A 44 10.15 5.61 0.83
CA PRO A 44 9.55 6.75 0.13
C PRO A 44 10.46 7.33 -0.93
N LEU A 45 11.54 6.61 -1.24
CA LEU A 45 12.50 7.07 -2.24
C LEU A 45 12.43 6.18 -3.49
N ASP A 46 12.07 4.92 -3.30
CA ASP A 46 11.97 3.98 -4.42
C ASP A 46 10.51 3.76 -4.80
N HIS A 47 9.67 4.76 -4.54
CA HIS A 47 8.25 4.68 -4.86
C HIS A 47 7.61 6.06 -4.86
N ASP A 48 6.82 6.35 -5.88
CA ASP A 48 6.15 7.63 -6.00
C ASP A 48 5.27 7.91 -4.79
N CYS A 49 5.86 8.55 -3.78
CA CYS A 49 5.13 8.87 -2.56
C CYS A 49 4.27 10.12 -2.75
N SER A 50 2.97 9.98 -2.50
CA SER A 50 2.04 11.09 -2.66
C SER A 50 1.87 11.83 -1.34
N GLY A 51 1.54 11.09 -0.28
CA GLY A 51 1.36 11.70 1.03
C GLY A 51 -0.10 11.92 1.35
N GLU A 52 -0.89 10.86 1.33
CA GLU A 52 -2.31 10.95 1.63
C GLU A 52 -2.58 12.02 2.68
N GLY A 53 -1.78 12.02 3.75
CA GLY A 53 -1.95 12.98 4.81
C GLY A 53 -2.84 12.48 5.93
N HIS A 54 -4.09 12.92 5.93
CA HIS A 54 -5.04 12.50 6.95
C HIS A 54 -5.87 11.31 6.48
N PRO A 55 -6.11 10.36 7.38
CA PRO A 55 -6.89 9.15 7.08
C PRO A 55 -8.37 9.46 6.86
N THR A 56 -9.09 8.50 6.28
CA THR A 56 -10.51 8.67 6.03
C THR A 56 -11.32 7.50 6.59
N SER A 57 -12.60 7.73 6.82
CA SER A 57 -13.48 6.70 7.37
C SER A 57 -13.04 6.30 8.77
N SER A 58 -12.70 7.29 9.58
CA SER A 58 -12.26 7.05 10.95
C SER A 58 -13.31 7.52 11.95
N GLY A 59 -14.26 6.64 12.25
CA GLY A 59 -15.31 6.97 13.18
C GLY A 59 -15.14 6.28 14.53
N PRO A 60 -14.53 6.98 15.49
CA PRO A 60 -14.29 6.46 16.83
C PRO A 60 -15.58 6.30 17.63
N SER A 61 -16.48 7.26 17.49
CA SER A 61 -17.75 7.24 18.20
C SER A 61 -18.68 8.33 17.68
N SER A 62 -19.97 8.19 18.00
CA SER A 62 -20.97 9.15 17.55
C SER A 62 -21.57 9.88 18.75
N GLY A 63 -21.93 11.15 18.54
CA GLY A 63 -22.52 11.94 19.62
C GLY A 63 -24.02 11.80 19.67
ZN ZN B . 6.47 -3.13 -5.09
ZN ZN C . 4.81 6.82 0.57
N GLY A 1 -24.24 -23.85 -2.24
CA GLY A 1 -23.72 -23.90 -0.89
C GLY A 1 -22.22 -24.05 -0.85
N SER A 2 -21.67 -24.22 0.36
CA SER A 2 -20.23 -24.38 0.53
C SER A 2 -19.47 -23.51 -0.47
N SER A 3 -19.94 -22.29 -0.67
CA SER A 3 -19.31 -21.37 -1.61
C SER A 3 -18.94 -20.05 -0.91
N GLY A 4 -17.68 -19.65 -1.07
CA GLY A 4 -17.22 -18.42 -0.45
C GLY A 4 -16.27 -17.65 -1.33
N SER A 5 -15.62 -16.64 -0.77
CA SER A 5 -14.68 -15.81 -1.52
C SER A 5 -13.26 -16.36 -1.39
N SER A 6 -12.39 -15.97 -2.33
CA SER A 6 -11.01 -16.41 -2.32
C SER A 6 -10.11 -15.39 -3.01
N GLY A 7 -9.24 -14.77 -2.23
CA GLY A 7 -8.32 -13.77 -2.78
C GLY A 7 -7.32 -13.28 -1.76
N ARG A 8 -7.12 -11.97 -1.71
CA ARG A 8 -6.16 -11.37 -0.77
C ARG A 8 -6.32 -11.99 0.62
N LYS A 9 -5.19 -12.37 1.22
CA LYS A 9 -5.20 -12.96 2.56
C LYS A 9 -4.14 -12.32 3.45
N ILE A 10 -4.54 -11.98 4.67
CA ILE A 10 -3.61 -11.36 5.62
C ILE A 10 -2.22 -11.96 5.49
N PHE A 11 -2.15 -13.29 5.41
CA PHE A 11 -0.88 -13.99 5.29
C PHE A 11 0.08 -13.23 4.38
N THR A 12 -0.36 -12.98 3.14
CA THR A 12 0.45 -12.27 2.17
C THR A 12 -0.27 -11.03 1.65
N ASN A 13 0.41 -9.89 1.69
CA ASN A 13 -0.16 -8.64 1.22
C ASN A 13 0.19 -8.39 -0.24
N LYS A 14 -0.37 -7.32 -0.81
CA LYS A 14 -0.12 -6.97 -2.20
C LYS A 14 0.35 -5.52 -2.32
N CYS A 15 1.58 -5.34 -2.80
CA CYS A 15 2.15 -4.01 -2.97
C CYS A 15 1.20 -3.10 -3.74
N GLU A 16 1.30 -1.80 -3.48
CA GLU A 16 0.45 -0.82 -4.15
C GLU A 16 1.24 0.00 -5.15
N ARG A 17 2.31 -0.59 -5.67
CA ARG A 17 3.16 0.09 -6.65
C ARG A 17 2.91 -0.45 -8.05
N ALA A 18 3.01 0.42 -9.04
CA ALA A 18 2.79 0.04 -10.43
C ALA A 18 3.93 -0.85 -10.93
N GLY A 19 3.58 -1.87 -11.71
CA GLY A 19 4.58 -2.77 -12.25
C GLY A 19 5.37 -3.46 -11.16
N CYS A 20 4.70 -3.81 -10.06
CA CYS A 20 5.35 -4.47 -8.94
C CYS A 20 4.51 -5.64 -8.45
N ARG A 21 3.25 -5.37 -8.14
CA ARG A 21 2.34 -6.40 -7.65
C ARG A 21 3.09 -7.44 -6.84
N GLN A 22 4.09 -7.00 -6.07
CA GLN A 22 4.88 -7.89 -5.25
C GLN A 22 4.01 -8.58 -4.20
N ARG A 23 4.56 -9.62 -3.57
CA ARG A 23 3.84 -10.36 -2.55
C ARG A 23 4.72 -10.59 -1.31
N GLU A 24 4.77 -9.58 -0.45
CA GLU A 24 5.58 -9.68 0.77
C GLU A 24 4.85 -10.49 1.84
N MET A 25 5.63 -11.11 2.73
CA MET A 25 5.07 -11.92 3.79
C MET A 25 4.55 -11.04 4.93
N MET A 26 5.29 -9.98 5.24
CA MET A 26 4.89 -9.07 6.30
C MET A 26 4.31 -7.79 5.73
N LYS A 27 3.38 -7.18 6.47
CA LYS A 27 2.74 -5.95 6.02
C LYS A 27 3.69 -4.77 6.16
N LEU A 28 3.95 -4.09 5.05
CA LEU A 28 4.83 -2.93 5.04
C LEU A 28 4.13 -1.70 4.47
N THR A 29 3.66 -0.83 5.36
CA THR A 29 2.97 0.38 4.95
C THR A 29 3.86 1.61 5.11
N CYS A 30 3.78 2.52 4.16
CA CYS A 30 4.58 3.74 4.20
C CYS A 30 4.30 4.54 5.46
N GLU A 31 5.13 5.56 5.70
CA GLU A 31 4.97 6.40 6.89
C GLU A 31 4.45 7.78 6.51
N ARG A 32 4.52 8.10 5.22
CA ARG A 32 4.07 9.40 4.72
C ARG A 32 2.68 9.28 4.08
N CYS A 33 2.55 8.37 3.13
CA CYS A 33 1.29 8.16 2.44
C CYS A 33 0.44 7.13 3.16
N SER A 34 1.10 6.26 3.92
CA SER A 34 0.41 5.21 4.67
C SER A 34 -0.22 4.20 3.72
N ARG A 35 0.58 3.73 2.76
CA ARG A 35 0.10 2.76 1.78
C ARG A 35 0.97 1.51 1.80
N ASN A 36 0.37 0.37 1.47
CA ASN A 36 1.09 -0.90 1.46
C ASN A 36 2.08 -0.95 0.30
N PHE A 37 3.24 -1.56 0.55
CA PHE A 37 4.28 -1.67 -0.48
C PHE A 37 5.23 -2.82 -0.16
N CYS A 38 6.12 -3.12 -1.09
CA CYS A 38 7.09 -4.19 -0.92
C CYS A 38 8.44 -3.64 -0.50
N ILE A 39 9.22 -4.46 0.21
CA ILE A 39 10.54 -4.04 0.68
C ILE A 39 11.24 -3.17 -0.35
N LYS A 40 11.02 -3.48 -1.63
CA LYS A 40 11.63 -2.72 -2.72
C LYS A 40 11.06 -1.31 -2.78
N HIS A 41 9.74 -1.20 -2.63
CA HIS A 41 9.08 0.10 -2.67
C HIS A 41 8.60 0.50 -1.27
N ARG A 42 9.12 -0.18 -0.25
CA ARG A 42 8.75 0.11 1.12
C ARG A 42 9.16 1.53 1.51
N HIS A 43 10.14 2.07 0.80
CA HIS A 43 10.63 3.42 1.06
C HIS A 43 9.97 4.44 0.12
N PRO A 44 9.67 5.63 0.67
CA PRO A 44 9.04 6.71 -0.10
C PRO A 44 9.99 7.31 -1.14
N LEU A 45 11.15 6.70 -1.30
CA LEU A 45 12.14 7.17 -2.26
C LEU A 45 12.14 6.28 -3.51
N ASP A 46 11.69 5.05 -3.36
CA ASP A 46 11.64 4.11 -4.47
C ASP A 46 10.21 3.95 -4.98
N HIS A 47 9.38 4.95 -4.72
CA HIS A 47 7.99 4.92 -5.15
C HIS A 47 7.36 6.30 -5.03
N ASP A 48 6.74 6.76 -6.12
CA ASP A 48 6.10 8.07 -6.14
C ASP A 48 5.21 8.25 -4.91
N CYS A 49 5.77 8.83 -3.86
CA CYS A 49 5.04 9.06 -2.62
C CYS A 49 4.29 10.39 -2.67
N SER A 50 2.99 10.35 -2.40
CA SER A 50 2.17 11.56 -2.42
C SER A 50 1.94 12.09 -1.01
N GLY A 51 1.49 11.21 -0.12
CA GLY A 51 1.26 11.61 1.25
C GLY A 51 -0.22 11.66 1.59
N GLU A 52 -0.58 11.08 2.74
CA GLU A 52 -1.97 11.06 3.17
C GLU A 52 -2.34 12.34 3.91
N GLY A 53 -3.53 12.86 3.63
CA GLY A 53 -3.98 14.08 4.28
C GLY A 53 -5.34 13.93 4.93
N HIS A 54 -5.35 13.90 6.26
CA HIS A 54 -6.60 13.76 7.01
C HIS A 54 -7.59 14.85 6.62
N PRO A 55 -8.88 14.48 6.58
CA PRO A 55 -9.96 15.42 6.23
C PRO A 55 -10.19 16.47 7.30
N THR A 56 -10.74 17.61 6.90
CA THR A 56 -11.01 18.70 7.83
C THR A 56 -11.56 18.18 9.16
N SER A 57 -10.83 18.43 10.24
CA SER A 57 -11.23 17.99 11.56
C SER A 57 -12.68 18.38 11.85
N SER A 58 -13.51 17.37 12.11
CA SER A 58 -14.92 17.62 12.40
C SER A 58 -15.51 16.48 13.22
N GLY A 59 -16.08 16.82 14.38
CA GLY A 59 -16.67 15.83 15.25
C GLY A 59 -17.95 15.25 14.68
N PRO A 60 -18.42 14.13 15.27
CA PRO A 60 -19.64 13.47 14.84
C PRO A 60 -20.90 14.27 15.17
N SER A 61 -20.69 15.47 15.70
CA SER A 61 -21.80 16.35 16.08
C SER A 61 -22.81 15.61 16.95
N SER A 62 -22.29 14.81 17.87
CA SER A 62 -23.16 14.04 18.78
C SER A 62 -22.88 14.42 20.23
N GLY A 63 -23.93 14.42 21.04
CA GLY A 63 -23.79 14.75 22.45
C GLY A 63 -23.92 13.54 23.35
ZN ZN B . 6.46 -2.70 -4.76
ZN ZN C . 4.84 6.67 0.50
#